data_2VVR
#
_entry.id   2VVR
#
_cell.length_a   89.701
_cell.length_b   51.862
_cell.length_c   207.209
_cell.angle_alpha   90.00
_cell.angle_beta   115.55
_cell.angle_gamma   90.00
#
_symmetry.space_group_name_H-M   'C 1 2 1'
#
loop_
_entity.id
_entity.type
_entity.pdbx_description
1 polymer 'RIBOSE-5-PHOSPHATE ISOMERASE B'
2 water water
#
_entity_poly.entity_id   1
_entity_poly.type   'polypeptide(L)'
_entity_poly.pdbx_seq_one_letter_code
;MKKIAFGCDHVGFILKHEIVAHLVERGVEVIDKGTWSSERTDYPHYASQVALAVAGGEVDGGILICGTGVGISIAANKFA
GIRAVVCSEPYSAQLSRQNNDTNVLAFGSRVVGLELAKMIVDAWLGAQYEGGRHQQRVEAITAIEQRRN
;
_entity_poly.pdbx_strand_id   A,B,C,D,E,F
#
# COMPACT_ATOMS: atom_id res chain seq x y z
N MET A 1 9.43 28.25 -31.66
CA MET A 1 10.13 26.94 -31.81
C MET A 1 9.56 26.14 -32.99
N LYS A 2 9.93 26.52 -34.21
CA LYS A 2 9.46 25.85 -35.42
C LYS A 2 10.42 24.77 -35.91
N LYS A 3 11.73 24.98 -35.74
CA LYS A 3 12.70 23.92 -35.98
C LYS A 3 13.63 23.69 -34.79
N ILE A 4 13.86 22.41 -34.53
CA ILE A 4 14.55 21.96 -33.32
C ILE A 4 15.66 21.02 -33.71
N ALA A 5 16.84 21.24 -33.16
CA ALA A 5 17.92 20.27 -33.33
C ALA A 5 17.82 19.26 -32.19
N PHE A 6 17.76 17.97 -32.53
CA PHE A 6 17.63 16.89 -31.55
C PHE A 6 18.93 16.13 -31.41
N GLY A 7 19.30 15.79 -30.17
CA GLY A 7 20.47 14.97 -29.89
C GLY A 7 20.28 14.02 -28.72
N CYS A 8 21.00 12.90 -28.72
CA CYS A 8 20.93 11.94 -27.62
C CYS A 8 22.14 11.03 -27.59
N ASP A 9 22.41 10.45 -26.43
CA ASP A 9 23.37 9.36 -26.39
C ASP A 9 22.63 8.04 -26.53
N HIS A 10 23.37 6.95 -26.31
CA HIS A 10 22.84 5.59 -26.44
C HIS A 10 21.70 5.29 -25.46
N VAL A 11 21.72 5.93 -24.29
CA VAL A 11 20.68 5.67 -23.28
C VAL A 11 19.47 6.53 -23.60
N GLY A 12 19.68 7.79 -23.94
CA GLY A 12 18.60 8.69 -24.37
C GLY A 12 17.87 8.19 -25.62
N PHE A 13 18.60 7.46 -26.47
CA PHE A 13 18.10 6.88 -27.72
C PHE A 13 16.84 6.05 -27.53
N ILE A 14 16.64 5.43 -26.38
CA ILE A 14 15.44 4.65 -26.18
C ILE A 14 14.13 5.45 -26.34
N LEU A 15 14.18 6.78 -26.17
CA LEU A 15 13.02 7.66 -26.36
C LEU A 15 13.01 8.36 -27.72
N LYS A 16 14.09 8.22 -28.49
CA LYS A 16 14.29 9.03 -29.71
C LYS A 16 13.14 8.97 -30.69
N HIS A 17 12.80 7.78 -31.17
CA HIS A 17 11.85 7.68 -32.29
C HIS A 17 10.51 8.23 -31.90
N GLU A 18 10.11 7.96 -30.66
CA GLU A 18 8.82 8.41 -30.18
C GLU A 18 8.77 9.93 -29.97
N ILE A 19 9.83 10.49 -29.38
CA ILE A 19 9.92 11.94 -29.20
C ILE A 19 10.01 12.67 -30.53
N VAL A 20 10.85 12.18 -31.45
CA VAL A 20 10.92 12.77 -32.80
C VAL A 20 9.53 12.76 -33.47
N ALA A 21 8.84 11.63 -33.42
CA ALA A 21 7.48 11.52 -34.01
C ALA A 21 6.52 12.53 -33.41
N HIS A 22 6.58 12.67 -32.09
CA HIS A 22 5.76 13.65 -31.36
C HIS A 22 6.03 15.10 -31.82
N LEU A 23 7.30 15.43 -32.03
CA LEU A 23 7.68 16.76 -32.50
C LEU A 23 7.16 16.98 -33.93
N VAL A 24 7.31 15.96 -34.79
CA VAL A 24 6.73 16.06 -36.15
C VAL A 24 5.22 16.25 -36.07
N GLU A 25 4.55 15.46 -35.24
CA GLU A 25 3.12 15.66 -35.02
C GLU A 25 2.76 17.10 -34.56
N ARG A 26 3.60 17.71 -33.72
CA ARG A 26 3.37 19.10 -33.25
C ARG A 26 3.74 20.16 -34.31
N GLY A 27 4.28 19.71 -35.45
CA GLY A 27 4.54 20.61 -36.57
C GLY A 27 5.94 21.21 -36.57
N VAL A 28 6.87 20.61 -35.82
CA VAL A 28 8.25 21.11 -35.84
C VAL A 28 9.13 20.28 -36.76
N GLU A 29 10.00 20.99 -37.48
CA GLU A 29 11.03 20.36 -38.29
C GLU A 29 12.16 19.94 -37.37
N VAL A 30 12.46 18.64 -37.36
CA VAL A 30 13.52 18.08 -36.54
C VAL A 30 14.80 17.94 -37.36
N ILE A 31 15.86 18.59 -36.90
CA ILE A 31 17.18 18.37 -37.45
C ILE A 31 17.87 17.39 -36.51
N ASP A 32 18.14 16.18 -37.00
CA ASP A 32 18.64 15.07 -36.18
C ASP A 32 20.17 15.06 -36.10
N LYS A 33 20.69 15.17 -34.88
CA LYS A 33 22.13 15.24 -34.66
C LYS A 33 22.66 13.92 -34.13
N GLY A 34 21.81 12.91 -34.03
CA GLY A 34 22.22 11.59 -33.55
C GLY A 34 22.05 11.56 -32.04
N THR A 35 22.34 10.43 -31.39
CA THR A 35 22.94 9.23 -32.01
C THR A 35 21.89 8.34 -32.74
N TRP A 36 22.35 7.30 -33.41
CA TRP A 36 21.47 6.51 -34.30
C TRP A 36 21.36 5.03 -33.92
N SER A 37 21.95 4.65 -32.80
CA SER A 37 21.79 3.30 -32.26
C SER A 37 22.01 3.30 -30.75
N SER A 38 21.80 2.14 -30.15
CA SER A 38 22.10 1.92 -28.73
C SER A 38 23.58 1.65 -28.44
N GLU A 39 24.43 1.76 -29.46
CA GLU A 39 25.87 1.56 -29.29
C GLU A 39 26.45 2.62 -28.37
N ARG A 40 27.19 2.19 -27.34
CA ARG A 40 27.82 3.10 -26.36
C ARG A 40 28.51 4.28 -27.04
N THR A 41 28.24 5.49 -26.54
CA THR A 41 28.78 6.71 -27.14
C THR A 41 28.77 7.82 -26.09
N ASP A 42 29.42 8.96 -26.39
CA ASP A 42 29.64 10.01 -25.39
C ASP A 42 28.69 11.19 -25.57
N TYR A 43 27.94 11.50 -24.50
CA TYR A 43 26.92 12.55 -24.53
C TYR A 43 27.44 13.97 -24.87
N PRO A 44 28.67 14.35 -24.44
CA PRO A 44 29.10 15.73 -24.74
C PRO A 44 29.15 16.08 -26.23
N HIS A 45 29.54 15.13 -27.07
CA HIS A 45 29.54 15.37 -28.53
C HIS A 45 28.17 15.78 -29.09
N TYR A 46 27.10 15.13 -28.63
CA TYR A 46 25.75 15.42 -29.15
C TYR A 46 25.21 16.73 -28.60
N ALA A 47 25.53 17.00 -27.34
CA ALA A 47 25.31 18.31 -26.71
C ALA A 47 25.93 19.41 -27.57
N SER A 48 27.20 19.24 -27.93
CA SER A 48 27.91 20.20 -28.80
C SER A 48 27.18 20.42 -30.14
N GLN A 49 26.77 19.34 -30.82
CA GLN A 49 26.11 19.45 -32.13
C GLN A 49 24.83 20.27 -32.07
N VAL A 50 23.99 19.98 -31.06
CA VAL A 50 22.75 20.72 -30.86
C VAL A 50 23.02 22.16 -30.43
N ALA A 51 23.90 22.33 -29.45
CA ALA A 51 24.24 23.66 -28.93
C ALA A 51 24.79 24.59 -30.02
N LEU A 52 25.71 24.09 -30.84
CA LEU A 52 26.26 24.86 -31.96
C LEU A 52 25.19 25.30 -32.94
N ALA A 53 24.25 24.39 -33.23
CA ALA A 53 23.13 24.68 -34.13
C ALA A 53 22.20 25.76 -33.59
N VAL A 54 21.90 25.68 -32.29
CA VAL A 54 21.07 26.69 -31.66
C VAL A 54 21.81 28.04 -31.55
N ALA A 55 23.05 28.00 -31.05
CA ALA A 55 23.81 29.23 -30.82
C ALA A 55 24.09 29.94 -32.16
N GLY A 56 24.35 29.16 -33.20
CA GLY A 56 24.55 29.66 -34.57
C GLY A 56 23.30 29.97 -35.39
N GLY A 57 22.11 29.86 -34.79
CA GLY A 57 20.88 30.36 -35.40
C GLY A 57 20.29 29.55 -36.55
N GLU A 58 20.86 28.37 -36.78
CA GLU A 58 20.34 27.49 -37.84
C GLU A 58 19.03 26.81 -37.40
N VAL A 59 18.76 26.88 -36.09
CA VAL A 59 17.65 26.19 -35.48
C VAL A 59 17.08 27.10 -34.38
N ASP A 60 15.82 26.91 -34.01
CA ASP A 60 15.19 27.76 -32.98
C ASP A 60 15.48 27.31 -31.57
N GLY A 61 15.72 26.01 -31.41
CA GLY A 61 15.95 25.43 -30.09
C GLY A 61 16.47 24.02 -30.25
N GLY A 62 16.78 23.39 -29.11
CA GLY A 62 17.30 22.06 -29.08
C GLY A 62 16.62 21.17 -28.05
N ILE A 63 16.64 19.87 -28.31
CA ILE A 63 16.14 18.89 -27.34
C ILE A 63 17.18 17.80 -27.24
N LEU A 64 17.53 17.46 -26.00
CA LEU A 64 18.59 16.54 -25.69
C LEU A 64 18.10 15.52 -24.66
N ILE A 65 18.42 14.24 -24.90
CA ILE A 65 18.07 13.17 -23.97
C ILE A 65 19.28 12.31 -23.66
N CYS A 66 19.54 12.09 -22.37
CA CYS A 66 20.46 11.05 -21.92
C CYS A 66 19.79 10.24 -20.80
N GLY A 67 20.56 9.50 -20.01
CA GLY A 67 19.97 8.72 -18.92
C GLY A 67 19.12 9.60 -17.97
N THR A 68 19.67 10.76 -17.60
CA THR A 68 18.97 11.71 -16.71
C THR A 68 18.73 13.07 -17.35
N GLY A 69 19.39 13.34 -18.48
CA GLY A 69 19.38 14.64 -19.09
C GLY A 69 20.36 15.61 -18.46
N VAL A 70 20.98 15.24 -17.33
CA VAL A 70 21.75 16.19 -16.52
C VAL A 70 23.11 16.49 -17.15
N GLY A 71 23.90 15.46 -17.39
CA GLY A 71 25.23 15.63 -18.01
C GLY A 71 25.16 16.30 -19.37
N ILE A 72 24.24 15.82 -20.21
CA ILE A 72 24.07 16.39 -21.55
C ILE A 72 23.65 17.89 -21.48
N SER A 73 22.82 18.28 -20.51
CA SER A 73 22.45 19.70 -20.32
C SER A 73 23.54 20.58 -19.68
N ILE A 74 24.38 19.99 -18.82
CA ILE A 74 25.53 20.73 -18.27
C ILE A 74 26.49 21.11 -19.41
N ALA A 75 26.77 20.15 -20.30
CA ALA A 75 27.60 20.37 -21.51
C ALA A 75 27.02 21.47 -22.39
N ALA A 76 25.73 21.39 -22.68
CA ALA A 76 25.05 22.40 -23.49
C ALA A 76 25.17 23.80 -22.88
N ASN A 77 24.99 23.87 -21.56
CA ASN A 77 25.02 25.18 -20.85
C ASN A 77 26.41 25.85 -20.85
N LYS A 78 27.45 25.06 -21.06
CA LYS A 78 28.81 25.57 -21.22
C LYS A 78 29.03 26.43 -22.48
N PHE A 79 28.15 26.28 -23.48
CA PHE A 79 28.21 27.09 -24.70
C PHE A 79 27.56 28.45 -24.47
N ALA A 80 28.15 29.49 -25.06
CA ALA A 80 27.63 30.85 -24.98
C ALA A 80 26.34 30.94 -25.78
N GLY A 81 25.36 31.68 -25.27
CA GLY A 81 24.06 31.79 -25.93
C GLY A 81 23.11 30.62 -25.70
N ILE A 82 23.53 29.61 -24.93
CA ILE A 82 22.64 28.49 -24.58
C ILE A 82 22.13 28.61 -23.16
N ARG A 83 20.81 28.46 -23.01
CA ARG A 83 20.16 28.34 -21.70
C ARG A 83 19.31 27.06 -21.74
N ALA A 84 19.83 26.03 -21.08
CA ALA A 84 19.27 24.68 -21.13
C ALA A 84 18.59 24.35 -19.81
N VAL A 85 17.33 23.91 -19.88
CA VAL A 85 16.62 23.38 -18.71
C VAL A 85 16.62 21.85 -18.74
N VAL A 86 17.02 21.21 -17.64
CA VAL A 86 16.76 19.79 -17.44
C VAL A 86 15.67 19.68 -16.36
N CYS A 87 14.70 18.79 -16.59
CA CYS A 87 13.60 18.57 -15.65
C CYS A 87 12.89 17.24 -15.87
N SER A 88 12.03 16.90 -14.92
CA SER A 88 11.20 15.68 -14.98
C SER A 88 9.74 15.99 -14.72
N GLU A 89 9.35 17.26 -14.86
CA GLU A 89 7.96 17.67 -14.80
C GLU A 89 7.82 18.94 -15.66
N PRO A 90 6.60 19.25 -16.11
CA PRO A 90 6.40 20.33 -17.09
C PRO A 90 6.38 21.75 -16.52
N TYR A 91 6.18 21.92 -15.21
CA TYR A 91 6.21 23.26 -14.62
C TYR A 91 7.57 23.93 -14.82
N SER A 92 8.65 23.23 -14.47
CA SER A 92 10.01 23.74 -14.62
C SER A 92 10.35 24.14 -16.07
N ALA A 93 9.95 23.26 -17.00
CA ALA A 93 10.06 23.52 -18.44
C ALA A 93 9.34 24.81 -18.88
N GLN A 94 8.05 24.90 -18.53
CA GLN A 94 7.21 26.06 -18.86
C GLN A 94 7.73 27.39 -18.28
N LEU A 95 8.00 27.41 -16.97
CA LEU A 95 8.50 28.64 -16.33
C LEU A 95 9.88 29.06 -16.83
N SER A 96 10.73 28.09 -17.15
CA SER A 96 12.05 28.39 -17.71
C SER A 96 11.96 29.10 -19.07
N ARG A 97 10.95 28.77 -19.88
CA ARG A 97 10.70 29.53 -21.10
C ARG A 97 10.25 30.96 -20.71
N GLN A 98 9.24 31.05 -19.86
CA GLN A 98 8.63 32.32 -19.46
C GLN A 98 9.61 33.30 -18.80
N ASN A 99 10.43 32.79 -17.87
CA ASN A 99 11.34 33.60 -17.05
C ASN A 99 12.83 33.61 -17.49
N ASN A 100 13.30 32.51 -18.07
CA ASN A 100 14.72 32.32 -18.40
C ASN A 100 15.01 32.23 -19.90
N ASP A 101 13.97 32.34 -20.73
CA ASP A 101 14.10 32.24 -22.20
C ASP A 101 14.91 31.01 -22.64
N THR A 102 14.67 29.86 -22.02
CA THR A 102 15.46 28.67 -22.37
C THR A 102 15.31 28.30 -23.87
N ASN A 103 16.44 27.98 -24.50
CA ASN A 103 16.40 27.56 -25.90
C ASN A 103 16.77 26.09 -26.07
N VAL A 104 17.03 25.40 -24.95
CA VAL A 104 17.35 23.97 -24.95
C VAL A 104 16.62 23.27 -23.78
N LEU A 105 16.02 22.12 -24.08
CA LEU A 105 15.31 21.30 -23.10
C LEU A 105 15.95 19.91 -23.09
N ALA A 106 16.17 19.39 -21.90
CA ALA A 106 16.70 18.05 -21.72
C ALA A 106 15.88 17.31 -20.69
N PHE A 107 15.91 15.97 -20.78
CA PHE A 107 15.26 15.12 -19.81
C PHE A 107 15.89 13.75 -19.92
N GLY A 108 15.51 12.83 -19.03
CA GLY A 108 16.23 11.59 -18.87
C GLY A 108 15.36 10.38 -19.15
N SER A 109 15.85 9.50 -20.03
CA SER A 109 15.10 8.30 -20.41
C SER A 109 14.98 7.28 -19.27
N ARG A 110 15.84 7.39 -18.27
CA ARG A 110 15.73 6.54 -17.11
C ARG A 110 15.02 7.19 -15.92
N VAL A 111 14.58 8.43 -16.10
CA VAL A 111 13.87 9.20 -15.09
C VAL A 111 12.39 9.35 -15.46
N VAL A 112 12.10 9.87 -16.65
CA VAL A 112 10.72 10.08 -17.06
C VAL A 112 10.29 9.00 -18.07
N GLY A 113 9.03 8.60 -18.01
CA GLY A 113 8.45 7.74 -19.01
C GLY A 113 8.01 8.57 -20.20
N LEU A 114 7.60 7.90 -21.25
CA LEU A 114 7.38 8.55 -22.55
C LEU A 114 6.30 9.62 -22.53
N GLU A 115 5.17 9.32 -21.89
CA GLU A 115 4.03 10.22 -21.94
C GLU A 115 4.20 11.48 -21.07
N LEU A 116 4.85 11.33 -19.93
CA LEU A 116 5.32 12.47 -19.16
C LEU A 116 6.33 13.29 -19.96
N ALA A 117 7.28 12.62 -20.61
CA ALA A 117 8.25 13.33 -21.46
C ALA A 117 7.52 14.15 -22.57
N LYS A 118 6.52 13.55 -23.21
CA LYS A 118 5.70 14.29 -24.20
C LYS A 118 5.01 15.52 -23.60
N MET A 119 4.50 15.39 -22.37
CA MET A 119 3.87 16.52 -21.71
C MET A 119 4.87 17.62 -21.38
N ILE A 120 6.08 17.24 -20.97
CA ILE A 120 7.16 18.22 -20.73
C ILE A 120 7.54 18.98 -22.02
N VAL A 121 7.66 18.23 -23.11
CA VAL A 121 7.90 18.83 -24.44
C VAL A 121 6.82 19.84 -24.83
N ASP A 122 5.54 19.46 -24.66
CA ASP A 122 4.41 20.34 -24.99
C ASP A 122 4.39 21.62 -24.15
N ALA A 123 4.68 21.48 -22.85
CA ALA A 123 4.72 22.61 -21.93
C ALA A 123 5.86 23.57 -22.35
N TRP A 124 6.98 23.02 -22.77
CA TRP A 124 8.12 23.81 -23.21
C TRP A 124 7.83 24.56 -24.53
N LEU A 125 7.31 23.84 -25.53
CA LEU A 125 7.01 24.42 -26.83
C LEU A 125 5.84 25.42 -26.76
N GLY A 126 4.93 25.20 -25.82
CA GLY A 126 3.77 26.05 -25.64
C GLY A 126 4.02 27.36 -24.91
N ALA A 127 5.14 27.49 -24.20
CA ALA A 127 5.39 28.68 -23.37
C ALA A 127 6.12 29.80 -24.14
N GLN A 128 5.84 31.05 -23.74
CA GLN A 128 6.47 32.24 -24.34
C GLN A 128 7.27 33.04 -23.29
N TYR A 129 8.49 33.44 -23.68
CA TYR A 129 9.32 34.29 -22.84
C TYR A 129 8.64 35.61 -22.50
N GLU A 130 8.52 35.92 -21.21
CA GLU A 130 7.74 37.08 -20.74
C GLU A 130 8.54 38.38 -20.65
N GLY A 131 9.84 38.34 -20.91
CA GLY A 131 10.70 39.54 -20.84
C GLY A 131 10.47 40.34 -19.56
N GLY A 132 10.18 41.63 -19.71
CA GLY A 132 9.92 42.52 -18.59
C GLY A 132 10.98 42.46 -17.49
N ARG A 133 10.55 42.24 -16.25
CA ARG A 133 11.48 42.19 -15.11
C ARG A 133 12.55 41.09 -15.22
N HIS A 134 12.22 39.99 -15.90
CA HIS A 134 13.13 38.85 -16.08
C HIS A 134 14.32 39.13 -17.00
N GLN A 135 14.21 40.17 -17.83
CA GLN A 135 15.25 40.48 -18.80
C GLN A 135 16.60 40.84 -18.15
N GLN A 136 16.58 41.70 -17.13
CA GLN A 136 17.81 42.07 -16.43
C GLN A 136 18.48 40.84 -15.81
N ARG A 137 17.69 39.89 -15.32
CA ARG A 137 18.22 38.63 -14.79
C ARG A 137 18.89 37.80 -15.88
N VAL A 138 18.21 37.65 -17.02
CA VAL A 138 18.78 36.91 -18.16
C VAL A 138 20.08 37.57 -18.67
N GLU A 139 20.08 38.90 -18.71
CA GLU A 139 21.27 39.68 -19.05
C GLU A 139 22.43 39.44 -18.07
N ALA A 140 22.11 39.27 -16.79
CA ALA A 140 23.13 38.87 -15.81
C ALA A 140 23.79 37.52 -16.17
N ILE A 141 23.00 36.58 -16.71
CA ILE A 141 23.53 35.27 -17.11
C ILE A 141 24.58 35.44 -18.25
N THR A 142 24.23 36.21 -19.28
CA THR A 142 25.14 36.56 -20.37
C THR A 142 26.44 37.20 -19.86
N ALA A 143 26.30 38.15 -18.93
CA ALA A 143 27.45 38.78 -18.31
C ALA A 143 28.43 37.74 -17.73
N ILE A 144 27.91 36.68 -17.10
CA ILE A 144 28.75 35.61 -16.55
C ILE A 144 29.57 34.93 -17.66
N GLU A 145 28.94 34.75 -18.82
CA GLU A 145 29.57 34.14 -19.99
C GLU A 145 30.75 34.95 -20.50
N GLN A 146 30.54 36.27 -20.63
CA GLN A 146 31.48 37.16 -21.29
C GLN A 146 32.40 37.86 -20.29
N ARG A 147 32.82 37.12 -19.27
CA ARG A 147 33.79 37.61 -18.29
C ARG A 147 35.11 36.85 -18.46
N MET B 1 31.56 15.73 0.89
CA MET B 1 30.82 17.02 1.00
C MET B 1 30.68 17.40 2.47
N LYS B 2 31.70 18.02 3.06
CA LYS B 2 31.66 18.45 4.47
C LYS B 2 31.37 19.95 4.63
N LYS B 3 31.79 20.75 3.65
CA LYS B 3 31.56 22.19 3.62
C LYS B 3 30.80 22.57 2.37
N ILE B 4 29.64 23.18 2.55
CA ILE B 4 28.74 23.55 1.47
C ILE B 4 28.46 25.05 1.49
N ALA B 5 28.68 25.73 0.36
CA ALA B 5 28.18 27.09 0.15
C ALA B 5 26.68 27.03 -0.23
N PHE B 6 25.85 27.76 0.51
CA PHE B 6 24.40 27.85 0.26
C PHE B 6 24.01 29.22 -0.33
N GLY B 7 23.13 29.21 -1.34
CA GLY B 7 22.51 30.44 -1.81
C GLY B 7 21.07 30.29 -2.29
N CYS B 8 20.33 31.39 -2.22
CA CYS B 8 18.94 31.39 -2.70
C CYS B 8 18.51 32.80 -3.00
N ASP B 9 17.43 32.91 -3.76
CA ASP B 9 16.74 34.18 -3.91
C ASP B 9 15.60 34.23 -2.93
N HIS B 10 14.74 35.23 -3.10
CA HIS B 10 13.62 35.45 -2.21
C HIS B 10 12.55 34.36 -2.27
N VAL B 11 12.45 33.67 -3.40
CA VAL B 11 11.50 32.57 -3.53
C VAL B 11 12.09 31.28 -2.97
N GLY B 12 13.35 31.02 -3.31
CA GLY B 12 14.04 29.90 -2.70
C GLY B 12 14.11 30.03 -1.20
N PHE B 13 14.07 31.27 -0.69
CA PHE B 13 14.13 31.55 0.74
C PHE B 13 13.09 30.81 1.60
N ILE B 14 11.94 30.48 1.03
CA ILE B 14 10.93 29.77 1.80
C ILE B 14 11.41 28.40 2.32
N LEU B 15 12.41 27.78 1.66
CA LEU B 15 13.02 26.52 2.11
C LEU B 15 14.35 26.69 2.86
N LYS B 16 14.90 27.92 2.92
CA LYS B 16 16.26 28.14 3.47
C LYS B 16 16.44 27.62 4.89
N HIS B 17 15.58 28.06 5.81
CA HIS B 17 15.78 27.74 7.23
C HIS B 17 15.82 26.23 7.50
N GLU B 18 14.87 25.51 6.93
CA GLU B 18 14.80 24.06 7.12
C GLU B 18 15.85 23.29 6.33
N ILE B 19 16.20 23.74 5.13
CA ILE B 19 17.29 23.08 4.38
C ILE B 19 18.63 23.30 5.08
N VAL B 20 18.91 24.53 5.53
CA VAL B 20 20.15 24.81 6.26
C VAL B 20 20.17 23.99 7.56
N ALA B 21 19.06 23.97 8.31
CA ALA B 21 18.97 23.17 9.54
C ALA B 21 19.22 21.68 9.30
N HIS B 22 18.76 21.16 8.17
CA HIS B 22 18.96 19.77 7.79
C HIS B 22 20.40 19.48 7.44
N LEU B 23 21.05 20.38 6.70
CA LEU B 23 22.48 20.22 6.43
C LEU B 23 23.29 20.15 7.75
N VAL B 24 22.98 21.05 8.68
CA VAL B 24 23.68 21.06 9.96
C VAL B 24 23.43 19.76 10.75
N GLU B 25 22.19 19.26 10.76
CA GLU B 25 21.87 17.97 11.36
C GLU B 25 22.69 16.82 10.80
N ARG B 26 23.02 16.87 9.51
CA ARG B 26 23.86 15.87 8.85
C ARG B 26 25.35 16.17 8.95
N GLY B 27 25.75 17.14 9.78
CA GLY B 27 27.16 17.40 10.02
C GLY B 27 27.88 18.19 8.93
N VAL B 28 27.12 18.85 8.06
CA VAL B 28 27.70 19.70 7.04
C VAL B 28 27.88 21.11 7.62
N GLU B 29 29.04 21.70 7.37
CA GLU B 29 29.27 23.11 7.71
C GLU B 29 28.81 23.98 6.55
N VAL B 30 27.83 24.85 6.83
CA VAL B 30 27.20 25.69 5.82
C VAL B 30 27.80 27.09 5.78
N ILE B 31 28.29 27.49 4.60
CA ILE B 31 28.76 28.85 4.35
C ILE B 31 27.62 29.61 3.64
N ASP B 32 26.93 30.46 4.39
CA ASP B 32 25.72 31.11 3.91
C ASP B 32 26.00 32.33 3.01
N LYS B 33 25.71 32.23 1.72
CA LYS B 33 25.87 33.35 0.80
C LYS B 33 24.60 34.22 0.67
N GLY B 34 23.55 33.92 1.43
CA GLY B 34 22.29 34.66 1.32
C GLY B 34 21.38 34.07 0.23
N THR B 35 20.21 34.64 0.01
CA THR B 35 19.72 35.82 0.70
C THR B 35 19.18 35.51 2.10
N TRP B 36 18.73 36.55 2.78
CA TRP B 36 18.42 36.50 4.22
C TRP B 36 17.01 36.92 4.59
N SER B 37 16.17 37.16 3.58
CA SER B 37 14.79 37.55 3.80
C SER B 37 13.97 37.28 2.55
N SER B 38 12.69 37.60 2.60
CA SER B 38 11.80 37.44 1.44
C SER B 38 11.69 38.69 0.56
N GLU B 39 12.57 39.67 0.77
CA GLU B 39 12.60 40.84 -0.08
C GLU B 39 13.14 40.46 -1.45
N ARG B 40 12.47 40.95 -2.49
CA ARG B 40 12.79 40.59 -3.86
C ARG B 40 14.28 40.84 -4.13
N THR B 41 14.94 39.86 -4.75
CA THR B 41 16.36 39.95 -5.08
C THR B 41 16.63 39.13 -6.35
N ASP B 42 17.78 39.33 -6.99
CA ASP B 42 18.09 38.66 -8.25
C ASP B 42 18.94 37.40 -8.03
N TYR B 43 18.48 36.28 -8.58
CA TYR B 43 19.14 34.98 -8.37
C TYR B 43 20.59 34.85 -8.94
N PRO B 44 20.94 35.55 -10.05
CA PRO B 44 22.32 35.37 -10.56
C PRO B 44 23.45 35.72 -9.57
N HIS B 45 23.27 36.75 -8.75
CA HIS B 45 24.27 37.14 -7.72
C HIS B 45 24.57 36.00 -6.73
N TYR B 46 23.54 35.31 -6.26
CA TYR B 46 23.71 34.22 -5.30
C TYR B 46 24.28 32.97 -5.97
N ALA B 47 23.92 32.74 -7.23
CA ALA B 47 24.61 31.74 -8.06
C ALA B 47 26.11 32.01 -8.15
N SER B 48 26.51 33.25 -8.45
CA SER B 48 27.93 33.66 -8.54
C SER B 48 28.68 33.44 -7.22
N GLN B 49 28.10 33.92 -6.12
CA GLN B 49 28.70 33.73 -4.79
C GLN B 49 29.01 32.26 -4.50
N VAL B 50 28.07 31.37 -4.81
CA VAL B 50 28.25 29.95 -4.56
C VAL B 50 29.25 29.35 -5.53
N ALA B 51 29.12 29.71 -6.81
CA ALA B 51 29.99 29.18 -7.85
C ALA B 51 31.45 29.56 -7.60
N LEU B 52 31.68 30.84 -7.28
CA LEU B 52 33.05 31.32 -7.02
C LEU B 52 33.65 30.59 -5.82
N ALA B 53 32.85 30.33 -4.79
CA ALA B 53 33.30 29.55 -3.62
C ALA B 53 33.69 28.12 -3.96
N VAL B 54 32.84 27.42 -4.73
CA VAL B 54 33.11 26.05 -5.14
C VAL B 54 34.32 26.01 -6.07
N ALA B 55 34.30 26.84 -7.11
CA ALA B 55 35.38 26.87 -8.12
C ALA B 55 36.76 27.19 -7.50
N GLY B 56 36.77 28.08 -6.52
CA GLY B 56 38.01 28.47 -5.85
C GLY B 56 38.41 27.55 -4.73
N GLY B 57 37.72 26.42 -4.57
CA GLY B 57 38.06 25.43 -3.54
C GLY B 57 37.84 25.89 -2.10
N GLU B 58 37.00 26.89 -1.89
CA GLU B 58 36.69 27.37 -0.55
C GLU B 58 35.73 26.40 0.17
N VAL B 59 34.90 25.72 -0.62
CA VAL B 59 33.99 24.71 -0.09
C VAL B 59 34.03 23.48 -0.99
N ASP B 60 33.46 22.38 -0.51
CA ASP B 60 33.42 21.13 -1.27
C ASP B 60 32.32 21.16 -2.35
N GLY B 61 31.23 21.86 -2.09
CA GLY B 61 30.13 21.96 -3.08
C GLY B 61 29.15 23.06 -2.71
N GLY B 62 28.16 23.26 -3.59
CA GLY B 62 27.18 24.32 -3.48
C GLY B 62 25.73 23.82 -3.55
N ILE B 63 24.86 24.46 -2.78
CA ILE B 63 23.42 24.22 -2.86
C ILE B 63 22.66 25.52 -3.14
N LEU B 64 21.82 25.48 -4.17
CA LEU B 64 21.09 26.65 -4.64
C LEU B 64 19.57 26.38 -4.75
N ILE B 65 18.79 27.39 -4.34
CA ILE B 65 17.33 27.29 -4.34
C ILE B 65 16.74 28.55 -4.93
N CYS B 66 15.92 28.39 -5.98
CA CYS B 66 15.00 29.44 -6.43
C CYS B 66 13.59 28.83 -6.64
N GLY B 67 12.71 29.52 -7.36
CA GLY B 67 11.39 29.01 -7.63
C GLY B 67 11.39 27.60 -8.24
N THR B 68 12.19 27.42 -9.28
CA THR B 68 12.35 26.12 -9.94
C THR B 68 13.74 25.52 -9.79
N GLY B 69 14.72 26.37 -9.45
CA GLY B 69 16.11 25.95 -9.44
C GLY B 69 16.81 26.05 -10.80
N VAL B 70 16.07 26.31 -11.87
CA VAL B 70 16.63 26.19 -13.21
C VAL B 70 17.51 27.41 -13.55
N GLY B 71 16.95 28.61 -13.41
CA GLY B 71 17.72 29.80 -13.75
C GLY B 71 19.00 29.94 -12.92
N ILE B 72 18.90 29.68 -11.62
CA ILE B 72 20.03 29.75 -10.70
C ILE B 72 21.12 28.71 -11.06
N SER B 73 20.70 27.51 -11.48
CA SER B 73 21.65 26.48 -11.90
C SER B 73 22.24 26.75 -13.30
N ILE B 74 21.47 27.35 -14.20
CA ILE B 74 22.00 27.78 -15.49
C ILE B 74 23.12 28.82 -15.27
N ALA B 75 22.84 29.85 -14.49
CA ALA B 75 23.85 30.82 -14.02
C ALA B 75 25.10 30.15 -13.46
N ALA B 76 24.93 29.26 -12.48
CA ALA B 76 26.07 28.54 -11.90
C ALA B 76 26.89 27.73 -12.94
N ASN B 77 26.19 27.07 -13.89
CA ASN B 77 26.89 26.29 -14.92
C ASN B 77 27.71 27.14 -15.88
N LYS B 78 27.42 28.43 -15.98
CA LYS B 78 28.24 29.37 -16.78
C LYS B 78 29.62 29.66 -16.18
N PHE B 79 29.84 29.25 -14.93
CA PHE B 79 31.15 29.38 -14.29
C PHE B 79 32.04 28.18 -14.57
N ALA B 80 33.32 28.48 -14.84
CA ALA B 80 34.37 27.48 -15.04
C ALA B 80 34.59 26.61 -13.81
N GLY B 81 34.64 25.30 -14.02
CA GLY B 81 34.80 24.34 -12.93
C GLY B 81 33.51 23.91 -12.20
N ILE B 82 32.38 24.48 -12.56
CA ILE B 82 31.09 24.09 -11.95
C ILE B 82 30.32 23.09 -12.83
N ARG B 83 29.87 22.01 -12.19
CA ARG B 83 28.91 21.08 -12.77
C ARG B 83 27.71 21.01 -11.82
N ALA B 84 26.62 21.67 -12.23
CA ALA B 84 25.47 21.89 -11.39
C ALA B 84 24.29 21.04 -11.90
N VAL B 85 23.69 20.28 -11.00
CA VAL B 85 22.46 19.52 -11.33
C VAL B 85 21.24 20.24 -10.75
N VAL B 86 20.21 20.40 -11.59
CA VAL B 86 18.88 20.76 -11.09
C VAL B 86 17.90 19.58 -11.27
N CYS B 87 17.11 19.32 -10.23
CA CYS B 87 16.19 18.18 -10.28
C CYS B 87 15.07 18.28 -9.25
N SER B 88 14.11 17.38 -9.38
CA SER B 88 12.97 17.29 -8.46
C SER B 88 12.76 15.85 -7.97
N GLU B 89 13.80 15.01 -8.10
CA GLU B 89 13.80 13.67 -7.52
C GLU B 89 15.24 13.29 -7.25
N PRO B 90 15.49 12.30 -6.34
CA PRO B 90 16.83 11.92 -5.86
C PRO B 90 17.71 11.14 -6.83
N TYR B 91 17.10 10.42 -7.78
CA TYR B 91 17.87 9.61 -8.75
C TYR B 91 18.81 10.46 -9.59
N SER B 92 18.28 11.52 -10.20
CA SER B 92 19.07 12.47 -10.99
C SER B 92 20.24 13.06 -10.19
N ALA B 93 19.94 13.45 -8.94
CA ALA B 93 20.97 13.99 -8.01
C ALA B 93 22.09 12.96 -7.79
N GLN B 94 21.70 11.75 -7.40
CA GLN B 94 22.61 10.65 -7.12
C GLN B 94 23.48 10.30 -8.33
N LEU B 95 22.86 10.10 -9.48
CA LEU B 95 23.62 9.68 -10.66
C LEU B 95 24.55 10.78 -11.16
N SER B 96 24.12 12.03 -11.02
CA SER B 96 24.94 13.17 -11.39
C SER B 96 26.25 13.23 -10.58
N ARG B 97 26.23 12.77 -9.34
CA ARG B 97 27.43 12.64 -8.53
C ARG B 97 28.28 11.49 -9.06
N GLN B 98 27.66 10.33 -9.19
CA GLN B 98 28.32 9.11 -9.62
C GLN B 98 28.98 9.22 -11.01
N ASN B 99 28.27 9.80 -11.97
CA ASN B 99 28.75 9.82 -13.34
C ASN B 99 29.30 11.15 -13.78
N ASN B 100 28.78 12.25 -13.26
CA ASN B 100 29.15 13.58 -13.75
C ASN B 100 29.94 14.42 -12.74
N ASP B 101 30.24 13.86 -11.57
CA ASP B 101 30.97 14.56 -10.48
C ASP B 101 30.41 15.97 -10.20
N THR B 102 29.09 16.10 -10.11
CA THR B 102 28.51 17.43 -9.91
C THR B 102 28.94 18.03 -8.58
N ASN B 103 29.19 19.31 -8.57
CA ASN B 103 29.63 19.99 -7.33
C ASN B 103 28.62 21.04 -6.85
N VAL B 104 27.55 21.25 -7.63
CA VAL B 104 26.44 22.10 -7.22
C VAL B 104 25.09 21.36 -7.44
N LEU B 105 24.23 21.47 -6.44
CA LEU B 105 22.86 20.95 -6.50
C LEU B 105 21.86 22.11 -6.40
N ALA B 106 20.88 22.13 -7.32
CA ALA B 106 19.78 23.07 -7.29
C ALA B 106 18.41 22.36 -7.36
N PHE B 107 17.42 22.99 -6.72
CA PHE B 107 16.03 22.59 -6.80
C PHE B 107 15.11 23.80 -6.54
N GLY B 108 13.81 23.58 -6.72
CA GLY B 108 12.80 24.64 -6.74
C GLY B 108 11.79 24.56 -5.62
N SER B 109 11.71 25.64 -4.85
CA SER B 109 10.78 25.80 -3.74
C SER B 109 9.31 25.79 -4.18
N ARG B 110 9.04 26.06 -5.45
CA ARG B 110 7.71 26.00 -6.01
C ARG B 110 7.44 24.69 -6.78
N VAL B 111 8.44 23.81 -6.80
CA VAL B 111 8.38 22.52 -7.53
C VAL B 111 8.36 21.34 -6.53
N VAL B 112 9.31 21.31 -5.60
CA VAL B 112 9.37 20.24 -4.62
C VAL B 112 8.97 20.74 -3.23
N GLY B 113 8.39 19.83 -2.46
CA GLY B 113 8.09 20.08 -1.06
C GLY B 113 9.32 19.81 -0.22
N LEU B 114 9.29 20.24 1.04
CA LEU B 114 10.47 20.20 1.93
C LEU B 114 11.09 18.82 2.10
N GLU B 115 10.28 17.80 2.37
CA GLU B 115 10.83 16.50 2.72
C GLU B 115 11.38 15.78 1.50
N LEU B 116 10.77 15.97 0.34
CA LEU B 116 11.34 15.48 -0.92
C LEU B 116 12.68 16.17 -1.19
N ALA B 117 12.73 17.48 -0.95
CA ALA B 117 13.99 18.24 -1.09
C ALA B 117 15.11 17.69 -0.17
N LYS B 118 14.77 17.37 1.07
CA LYS B 118 15.74 16.78 2.01
C LYS B 118 16.26 15.42 1.50
N MET B 119 15.36 14.61 0.96
CA MET B 119 15.75 13.33 0.34
C MET B 119 16.69 13.53 -0.87
N ILE B 120 16.45 14.56 -1.68
CA ILE B 120 17.32 14.90 -2.82
C ILE B 120 18.70 15.31 -2.33
N VAL B 121 18.72 16.18 -1.33
CA VAL B 121 19.96 16.60 -0.68
C VAL B 121 20.72 15.38 -0.11
N ASP B 122 20.01 14.48 0.57
CA ASP B 122 20.66 13.30 1.16
C ASP B 122 21.32 12.41 0.09
N ALA B 123 20.62 12.23 -1.03
CA ALA B 123 21.07 11.35 -2.10
C ALA B 123 22.31 11.95 -2.77
N TRP B 124 22.30 13.27 -2.95
CA TRP B 124 23.41 14.00 -3.56
C TRP B 124 24.65 13.96 -2.63
N LEU B 125 24.45 14.23 -1.36
CA LEU B 125 25.54 14.22 -0.35
C LEU B 125 26.12 12.84 -0.12
N GLY B 126 25.30 11.79 -0.20
CA GLY B 126 25.77 10.41 0.07
C GLY B 126 26.40 9.66 -1.10
N ALA B 127 26.38 10.25 -2.30
CA ALA B 127 26.82 9.56 -3.51
C ALA B 127 28.27 9.88 -3.75
N GLN B 128 29.02 8.88 -4.24
CA GLN B 128 30.43 9.06 -4.58
C GLN B 128 30.59 9.09 -6.09
N TYR B 129 31.51 9.92 -6.58
CA TYR B 129 31.91 9.93 -7.99
C TYR B 129 32.73 8.68 -8.31
N GLU B 130 32.37 7.99 -9.39
CA GLU B 130 32.94 6.67 -9.70
C GLU B 130 34.16 6.73 -10.63
N GLY B 131 34.40 7.87 -11.27
CA GLY B 131 35.54 7.99 -12.20
C GLY B 131 35.42 6.98 -13.33
N GLY B 132 36.55 6.41 -13.76
CA GLY B 132 36.54 5.39 -14.81
C GLY B 132 36.19 5.97 -16.16
N ARG B 133 35.27 5.32 -16.88
CA ARG B 133 34.81 5.80 -18.21
C ARG B 133 34.16 7.19 -18.18
N HIS B 134 33.69 7.59 -17.00
CA HIS B 134 33.01 8.88 -16.85
C HIS B 134 33.96 10.07 -16.93
N GLN B 135 35.21 9.87 -16.51
CA GLN B 135 36.19 10.97 -16.46
C GLN B 135 36.43 11.59 -17.84
N GLN B 136 36.48 10.74 -18.85
CA GLN B 136 36.60 11.18 -20.24
C GLN B 136 35.48 12.14 -20.64
N ARG B 137 34.25 11.78 -20.26
CA ARG B 137 33.09 12.61 -20.54
C ARG B 137 33.14 13.94 -19.76
N VAL B 138 33.45 13.87 -18.47
CA VAL B 138 33.66 15.08 -17.65
C VAL B 138 34.77 15.96 -18.23
N GLU B 139 35.91 15.37 -18.61
CA GLU B 139 37.00 16.12 -19.26
C GLU B 139 36.55 16.84 -20.53
N ALA B 140 35.62 16.23 -21.27
CA ALA B 140 35.03 16.86 -22.44
C ALA B 140 34.16 18.09 -22.09
N ILE B 141 33.45 18.04 -20.96
CA ILE B 141 32.67 19.22 -20.53
C ILE B 141 33.62 20.40 -20.27
N THR B 142 34.69 20.11 -19.54
CA THR B 142 35.74 21.09 -19.24
C THR B 142 36.39 21.62 -20.51
N ALA B 143 36.56 20.76 -21.52
CA ALA B 143 37.15 21.20 -22.78
C ALA B 143 36.33 22.32 -23.44
N ILE B 144 35.00 22.24 -23.33
CA ILE B 144 34.12 23.29 -23.89
C ILE B 144 34.38 24.64 -23.22
N GLU B 145 34.62 24.61 -21.90
CA GLU B 145 35.08 25.79 -21.14
C GLU B 145 36.39 26.35 -21.68
N GLN B 146 37.23 25.44 -22.18
CA GLN B 146 38.53 25.70 -22.84
C GLN B 146 39.66 25.53 -21.83
N MET C 1 -23.97 -42.20 6.69
CA MET C 1 -23.34 -42.64 7.98
C MET C 1 -23.70 -44.09 8.30
N LYS C 2 -23.12 -45.05 7.57
CA LYS C 2 -23.36 -46.48 7.80
C LYS C 2 -22.37 -47.17 8.74
N LYS C 3 -21.12 -46.68 8.74
CA LYS C 3 -20.04 -47.18 9.61
C LYS C 3 -19.51 -46.05 10.48
N ILE C 4 -19.55 -46.28 11.79
CA ILE C 4 -19.20 -45.27 12.81
C ILE C 4 -18.16 -45.83 13.74
N ALA C 5 -17.05 -45.09 13.89
CA ALA C 5 -16.09 -45.36 14.97
C ALA C 5 -16.60 -44.75 16.29
N PHE C 6 -16.65 -45.57 17.34
CA PHE C 6 -17.10 -45.13 18.66
C PHE C 6 -15.94 -45.06 19.66
N GLY C 7 -15.89 -43.99 20.46
CA GLY C 7 -14.94 -43.94 21.57
C GLY C 7 -15.47 -43.22 22.80
N CYS C 8 -14.93 -43.58 23.97
CA CYS C 8 -15.30 -42.92 25.22
C CYS C 8 -14.26 -43.16 26.30
N ASP C 9 -14.34 -42.34 27.35
CA ASP C 9 -13.55 -42.59 28.53
C ASP C 9 -14.42 -43.26 29.56
N HIS C 10 -13.91 -43.38 30.78
CA HIS C 10 -14.60 -44.06 31.86
C HIS C 10 -15.91 -43.40 32.28
N VAL C 11 -16.02 -42.09 32.09
CA VAL C 11 -17.25 -41.36 32.44
C VAL C 11 -18.25 -41.48 31.30
N GLY C 12 -17.78 -41.25 30.08
CA GLY C 12 -18.61 -41.48 28.92
C GLY C 12 -19.14 -42.90 28.88
N PHE C 13 -18.40 -43.84 29.50
CA PHE C 13 -18.76 -45.27 29.50
C PHE C 13 -20.14 -45.56 30.05
N ILE C 14 -20.66 -44.71 30.93
CA ILE C 14 -21.97 -44.96 31.51
C ILE C 14 -23.10 -44.97 30.44
N LEU C 15 -22.88 -44.34 29.28
CA LEU C 15 -23.83 -44.34 28.16
C LEU C 15 -23.46 -45.29 26.99
N LYS C 16 -22.27 -45.93 27.04
CA LYS C 16 -21.75 -46.73 25.91
C LYS C 16 -22.72 -47.83 25.49
N HIS C 17 -23.07 -48.72 26.40
CA HIS C 17 -23.85 -49.92 26.03
C HIS C 17 -25.16 -49.57 25.30
N GLU C 18 -25.91 -48.61 25.84
CA GLU C 18 -27.19 -48.22 25.24
C GLU C 18 -27.01 -47.37 23.97
N ILE C 19 -25.97 -46.53 23.91
CA ILE C 19 -25.70 -45.77 22.67
C ILE C 19 -25.26 -46.70 21.52
N VAL C 20 -24.32 -47.60 21.81
CA VAL C 20 -23.92 -48.63 20.84
C VAL C 20 -25.15 -49.47 20.41
N ALA C 21 -25.96 -49.92 21.36
CA ALA C 21 -27.15 -50.70 21.06
C ALA C 21 -28.13 -49.94 20.15
N HIS C 22 -28.32 -48.65 20.42
CA HIS C 22 -29.17 -47.78 19.57
C HIS C 22 -28.62 -47.62 18.17
N LEU C 23 -27.31 -47.43 18.04
CA LEU C 23 -26.69 -47.34 16.72
C LEU C 23 -26.96 -48.63 15.91
N VAL C 24 -26.81 -49.77 16.55
CA VAL C 24 -27.04 -51.08 15.90
C VAL C 24 -28.51 -51.23 15.48
N GLU C 25 -29.44 -50.80 16.33
CA GLU C 25 -30.87 -50.79 15.99
C GLU C 25 -31.17 -49.94 14.77
N ARG C 26 -30.44 -48.84 14.59
CA ARG C 26 -30.61 -47.97 13.42
C ARG C 26 -29.81 -48.43 12.22
N GLY C 27 -29.25 -49.65 12.27
CA GLY C 27 -28.52 -50.22 11.15
C GLY C 27 -27.12 -49.69 10.92
N VAL C 28 -26.54 -49.05 11.93
CA VAL C 28 -25.16 -48.61 11.87
C VAL C 28 -24.22 -49.72 12.35
N GLU C 29 -23.15 -49.97 11.60
CA GLU C 29 -22.06 -50.85 12.01
C GLU C 29 -21.07 -50.04 12.84
N VAL C 30 -20.89 -50.44 14.10
CA VAL C 30 -20.03 -49.71 15.05
C VAL C 30 -18.64 -50.32 15.15
N ILE C 31 -17.62 -49.51 14.91
CA ILE C 31 -16.24 -49.91 15.14
C ILE C 31 -15.82 -49.39 16.53
N ASP C 32 -15.71 -50.30 17.50
CA ASP C 32 -15.49 -49.91 18.89
C ASP C 32 -14.03 -49.63 19.22
N LYS C 33 -13.68 -48.38 19.50
CA LYS C 33 -12.31 -48.01 19.89
C LYS C 33 -12.13 -48.01 21.42
N GLY C 34 -13.16 -48.36 22.17
CA GLY C 34 -13.08 -48.35 23.61
C GLY C 34 -13.44 -46.97 24.19
N THR C 35 -13.40 -46.80 25.51
CA THR C 35 -12.97 -47.81 26.44
C THR C 35 -14.03 -48.89 26.75
N TRP C 36 -13.66 -49.83 27.61
CA TRP C 36 -14.41 -51.07 27.80
C TRP C 36 -14.87 -51.31 29.24
N SER C 37 -14.59 -50.36 30.13
CA SER C 37 -14.96 -50.44 31.53
C SER C 37 -14.97 -49.06 32.17
N SER C 38 -15.37 -49.02 33.44
CA SER C 38 -15.36 -47.79 34.21
C SER C 38 -14.01 -47.49 34.86
N GLU C 39 -12.95 -48.21 34.52
CA GLU C 39 -11.63 -47.92 35.06
C GLU C 39 -11.10 -46.64 34.45
N ARG C 40 -10.57 -45.78 35.30
CA ARG C 40 -10.16 -44.46 34.88
C ARG C 40 -9.15 -44.55 33.73
N THR C 41 -9.37 -43.71 32.72
CA THR C 41 -8.53 -43.70 31.52
C THR C 41 -8.58 -42.28 30.95
N ASP C 42 -7.65 -41.96 30.06
CA ASP C 42 -7.50 -40.61 29.53
C ASP C 42 -8.22 -40.46 28.18
N TYR C 43 -9.08 -39.45 28.08
CA TYR C 43 -9.91 -39.24 26.88
C TYR C 43 -9.16 -38.93 25.55
N PRO C 44 -7.98 -38.26 25.60
CA PRO C 44 -7.30 -37.97 24.33
C PRO C 44 -6.98 -39.20 23.44
N HIS C 45 -6.61 -40.31 24.07
CA HIS C 45 -6.35 -41.56 23.34
C HIS C 45 -7.54 -42.03 22.49
N TYR C 46 -8.72 -42.05 23.08
CA TYR C 46 -9.93 -42.51 22.38
C TYR C 46 -10.39 -41.52 21.33
N ALA C 47 -10.23 -40.22 21.60
CA ALA C 47 -10.36 -39.19 20.57
C ALA C 47 -9.48 -39.45 19.36
N SER C 48 -8.19 -39.76 19.60
CA SER C 48 -7.23 -40.07 18.53
C SER C 48 -7.61 -41.32 17.74
N GLN C 49 -7.94 -42.40 18.44
CA GLN C 49 -8.41 -43.62 17.77
C GLN C 49 -9.57 -43.35 16.80
N VAL C 50 -10.54 -42.57 17.25
CA VAL C 50 -11.72 -42.30 16.43
C VAL C 50 -11.33 -41.37 15.30
N ALA C 51 -10.58 -40.31 15.63
CA ALA C 51 -10.21 -39.30 14.66
C ALA C 51 -9.40 -39.91 13.52
N LEU C 52 -8.49 -40.82 13.88
CA LEU C 52 -7.61 -41.44 12.88
C LEU C 52 -8.44 -42.32 11.96
N ALA C 53 -9.42 -43.02 12.51
CA ALA C 53 -10.32 -43.86 11.71
C ALA C 53 -11.12 -43.06 10.69
N VAL C 54 -11.65 -41.91 11.13
CA VAL C 54 -12.48 -41.05 10.29
C VAL C 54 -11.63 -40.39 9.20
N ALA C 55 -10.52 -39.77 9.61
CA ALA C 55 -9.64 -39.04 8.69
C ALA C 55 -9.07 -39.96 7.57
N GLY C 56 -8.80 -41.22 7.91
CA GLY C 56 -8.27 -42.18 6.96
C GLY C 56 -9.33 -42.94 6.17
N GLY C 57 -10.59 -42.56 6.28
CA GLY C 57 -11.65 -43.20 5.52
C GLY C 57 -11.97 -44.65 5.90
N GLU C 58 -11.60 -45.07 7.09
CA GLU C 58 -11.98 -46.40 7.58
C GLU C 58 -13.45 -46.47 8.03
N VAL C 59 -14.01 -45.32 8.38
CA VAL C 59 -15.42 -45.22 8.75
C VAL C 59 -15.98 -43.94 8.16
N ASP C 60 -17.29 -43.81 8.17
CA ASP C 60 -17.97 -42.61 7.65
C ASP C 60 -17.96 -41.46 8.66
N GLY C 61 -17.85 -41.79 9.93
CA GLY C 61 -17.88 -40.78 11.00
C GLY C 61 -17.62 -41.39 12.36
N GLY C 62 -17.57 -40.51 13.36
CA GLY C 62 -17.20 -40.90 14.71
C GLY C 62 -18.16 -40.36 15.74
N ILE C 63 -18.33 -41.11 16.83
CA ILE C 63 -19.10 -40.68 18.01
C ILE C 63 -18.26 -40.82 19.28
N LEU C 64 -18.17 -39.73 20.04
CA LEU C 64 -17.36 -39.67 21.24
C LEU C 64 -18.15 -39.22 22.46
N ILE C 65 -17.88 -39.86 23.60
CA ILE C 65 -18.57 -39.54 24.85
C ILE C 65 -17.57 -39.40 25.97
N CYS C 66 -17.59 -38.27 26.67
CA CYS C 66 -16.95 -38.14 27.97
C CYS C 66 -17.94 -37.48 28.94
N GLY C 67 -17.46 -36.91 30.05
CA GLY C 67 -18.33 -36.24 31.00
C GLY C 67 -19.19 -35.14 30.38
N THR C 68 -18.56 -34.26 29.61
CA THR C 68 -19.26 -33.19 28.90
C THR C 68 -19.18 -33.30 27.39
N GLY C 69 -18.24 -34.12 26.89
CA GLY C 69 -17.95 -34.23 25.46
C GLY C 69 -17.01 -33.15 24.91
N VAL C 70 -16.67 -32.16 25.73
CA VAL C 70 -15.97 -30.98 25.23
C VAL C 70 -14.48 -31.31 25.03
N GLY C 71 -13.83 -31.80 26.07
CA GLY C 71 -12.39 -32.12 25.97
C GLY C 71 -12.10 -33.13 24.86
N ILE C 72 -12.94 -34.17 24.78
CA ILE C 72 -12.78 -35.23 23.80
C ILE C 72 -12.99 -34.71 22.36
N SER C 73 -13.92 -33.75 22.20
CA SER C 73 -14.14 -33.15 20.89
C SER C 73 -13.10 -32.08 20.52
N ILE C 74 -12.55 -31.39 21.52
CA ILE C 74 -11.41 -30.50 21.30
C ILE C 74 -10.20 -31.29 20.77
N ALA C 75 -9.84 -32.39 21.45
CA ALA C 75 -8.82 -33.35 20.96
C ALA C 75 -9.07 -33.78 19.50
N ALA C 76 -10.28 -34.28 19.23
CA ALA C 76 -10.64 -34.72 17.89
C ALA C 76 -10.46 -33.61 16.83
N ASN C 77 -10.88 -32.38 17.17
CA ASN C 77 -10.78 -31.27 16.22
C ASN C 77 -9.34 -30.86 15.91
N LYS C 78 -8.39 -31.26 16.76
CA LYS C 78 -6.98 -31.01 16.50
C LYS C 78 -6.42 -31.86 15.35
N PHE C 79 -7.13 -32.92 14.97
CA PHE C 79 -6.74 -33.76 13.85
C PHE C 79 -7.19 -33.17 12.50
N ALA C 80 -6.30 -33.25 11.51
CA ALA C 80 -6.61 -32.82 10.14
C ALA C 80 -7.69 -33.69 9.51
N GLY C 81 -8.67 -33.04 8.90
CA GLY C 81 -9.79 -33.75 8.29
C GLY C 81 -11.03 -33.97 9.15
N ILE C 82 -10.94 -33.64 10.43
CA ILE C 82 -12.04 -33.79 11.38
C ILE C 82 -12.76 -32.47 11.66
N ARG C 83 -14.08 -32.54 11.59
CA ARG C 83 -14.97 -31.48 12.03
C ARG C 83 -15.93 -32.09 13.03
N ALA C 84 -15.71 -31.76 14.29
CA ALA C 84 -16.40 -32.41 15.39
C ALA C 84 -17.33 -31.41 16.05
N VAL C 85 -18.58 -31.82 16.23
CA VAL C 85 -19.59 -31.05 16.98
C VAL C 85 -19.80 -31.64 18.37
N VAL C 86 -19.72 -30.80 19.39
CA VAL C 86 -20.22 -31.15 20.73
C VAL C 86 -21.49 -30.36 21.05
N CYS C 87 -22.51 -31.04 21.57
CA CYS C 87 -23.77 -30.37 21.87
C CYS C 87 -24.60 -31.14 22.88
N SER C 88 -25.67 -30.48 23.33
CA SER C 88 -26.63 -31.11 24.24
C SER C 88 -28.07 -30.99 23.78
N GLU C 89 -28.25 -30.76 22.48
CA GLU C 89 -29.58 -30.71 21.87
C GLU C 89 -29.40 -31.00 20.40
N PRO C 90 -30.46 -31.48 19.70
CA PRO C 90 -30.35 -31.99 18.34
C PRO C 90 -30.23 -30.97 17.22
N TYR C 91 -30.63 -29.72 17.48
CA TYR C 91 -30.56 -28.67 16.45
C TYR C 91 -29.10 -28.40 16.06
N SER C 92 -28.23 -28.22 17.06
CA SER C 92 -26.81 -28.00 16.80
C SER C 92 -26.18 -29.16 15.99
N ALA C 93 -26.52 -30.39 16.35
CA ALA C 93 -26.03 -31.58 15.65
C ALA C 93 -26.49 -31.56 14.19
N GLN C 94 -27.78 -31.40 13.99
CA GLN C 94 -28.39 -31.43 12.66
C GLN C 94 -27.84 -30.36 11.75
N LEU C 95 -27.74 -29.13 12.24
CA LEU C 95 -27.29 -28.02 11.40
C LEU C 95 -25.79 -28.13 11.09
N SER C 96 -25.01 -28.62 12.06
CA SER C 96 -23.58 -28.90 11.86
C SER C 96 -23.32 -29.89 10.71
N ARG C 97 -24.23 -30.84 10.51
CA ARG C 97 -24.17 -31.73 9.35
C ARG C 97 -24.50 -30.94 8.08
N GLN C 98 -25.64 -30.27 8.10
CA GLN C 98 -26.16 -29.53 6.94
C GLN C 98 -25.22 -28.44 6.46
N ASN C 99 -24.60 -27.71 7.38
CA ASN C 99 -23.82 -26.54 7.04
C ASN C 99 -22.32 -26.72 7.15
N ASN C 100 -21.86 -27.52 8.12
CA ASN C 100 -20.43 -27.64 8.39
C ASN C 100 -19.88 -29.03 8.04
N ASP C 101 -20.71 -29.90 7.49
CA ASP C 101 -20.32 -31.29 7.11
C ASP C 101 -19.55 -32.00 8.24
N THR C 102 -20.09 -31.98 9.45
CA THR C 102 -19.34 -32.57 10.56
C THR C 102 -19.24 -34.08 10.42
N ASN C 103 -18.10 -34.62 10.77
CA ASN C 103 -17.88 -36.07 10.68
C ASN C 103 -17.68 -36.73 12.04
N VAL C 104 -17.63 -35.92 13.11
CA VAL C 104 -17.59 -36.45 14.49
C VAL C 104 -18.66 -35.76 15.37
N LEU C 105 -19.40 -36.56 16.13
CA LEU C 105 -20.36 -36.07 17.12
C LEU C 105 -19.91 -36.46 18.54
N ALA C 106 -19.92 -35.47 19.44
CA ALA C 106 -19.68 -35.68 20.86
C ALA C 106 -20.78 -35.08 21.74
N PHE C 107 -20.95 -35.69 22.92
CA PHE C 107 -21.83 -35.22 23.95
C PHE C 107 -21.38 -35.78 25.29
N GLY C 108 -22.00 -35.32 26.36
CA GLY C 108 -21.55 -35.58 27.71
C GLY C 108 -22.53 -36.36 28.57
N SER C 109 -22.04 -37.46 29.13
CA SER C 109 -22.83 -38.36 29.96
C SER C 109 -23.27 -37.72 31.28
N ARG C 110 -22.62 -36.63 31.67
CA ARG C 110 -23.01 -35.88 32.85
C ARG C 110 -23.85 -34.62 32.49
N VAL C 111 -24.09 -34.40 31.20
CA VAL C 111 -24.86 -33.24 30.70
C VAL C 111 -26.23 -33.66 30.18
N VAL C 112 -26.25 -34.66 29.28
CA VAL C 112 -27.49 -35.16 28.70
C VAL C 112 -27.84 -36.54 29.25
N GLY C 113 -29.14 -36.76 29.39
CA GLY C 113 -29.68 -38.08 29.71
C GLY C 113 -29.72 -38.92 28.45
N LEU C 114 -29.93 -40.23 28.63
CA LEU C 114 -29.84 -41.21 27.53
C LEU C 114 -30.73 -40.93 26.31
N GLU C 115 -32.01 -40.68 26.56
CA GLU C 115 -32.98 -40.54 25.48
C GLU C 115 -32.79 -39.25 24.70
N LEU C 116 -32.45 -38.17 25.39
CA LEU C 116 -32.04 -36.93 24.69
C LEU C 116 -30.79 -37.20 23.83
N ALA C 117 -29.82 -37.93 24.38
CA ALA C 117 -28.62 -38.36 23.61
C ALA C 117 -29.01 -39.15 22.33
N LYS C 118 -29.94 -40.10 22.46
CA LYS C 118 -30.37 -40.87 21.30
C LYS C 118 -31.00 -39.96 20.24
N MET C 119 -31.78 -38.97 20.67
CA MET C 119 -32.38 -37.97 19.77
C MET C 119 -31.31 -37.14 19.06
N ILE C 120 -30.25 -36.78 19.78
CA ILE C 120 -29.12 -36.04 19.18
C ILE C 120 -28.45 -36.91 18.11
N VAL C 121 -28.15 -38.14 18.47
CA VAL C 121 -27.58 -39.11 17.53
C VAL C 121 -28.43 -39.25 16.26
N ASP C 122 -29.75 -39.42 16.44
CA ASP C 122 -30.68 -39.57 15.32
C ASP C 122 -30.67 -38.34 14.39
N ALA C 123 -30.63 -37.15 14.98
CA ALA C 123 -30.69 -35.91 14.22
C ALA C 123 -29.41 -35.79 13.39
N TRP C 124 -28.29 -36.10 14.02
CA TRP C 124 -26.97 -36.03 13.38
C TRP C 124 -26.84 -37.05 12.25
N LEU C 125 -27.30 -38.27 12.50
CA LEU C 125 -27.27 -39.36 11.49
C LEU C 125 -28.22 -39.11 10.32
N GLY C 126 -29.36 -38.48 10.60
CA GLY C 126 -30.39 -38.25 9.58
C GLY C 126 -30.19 -37.06 8.66
N ALA C 127 -29.21 -36.20 8.98
CA ALA C 127 -29.02 -34.92 8.32
C ALA C 127 -28.04 -35.04 7.16
N GLN C 128 -28.34 -34.37 6.05
CA GLN C 128 -27.47 -34.36 4.88
C GLN C 128 -26.73 -33.04 4.78
N TYR C 129 -25.46 -33.10 4.38
CA TYR C 129 -24.69 -31.89 4.09
C TYR C 129 -25.21 -31.24 2.78
N GLU C 130 -25.43 -29.94 2.82
CA GLU C 130 -26.10 -29.24 1.70
C GLU C 130 -25.13 -28.62 0.68
N GLY C 131 -23.86 -28.47 1.04
CA GLY C 131 -22.87 -27.90 0.12
C GLY C 131 -23.25 -26.46 -0.20
N GLY C 132 -23.15 -26.06 -1.47
CA GLY C 132 -23.53 -24.70 -1.86
C GLY C 132 -22.60 -23.66 -1.25
N ARG C 133 -23.17 -22.58 -0.70
CA ARG C 133 -22.39 -21.51 -0.06
C ARG C 133 -21.56 -22.01 1.14
N HIS C 134 -21.95 -23.16 1.69
CA HIS C 134 -21.29 -23.70 2.88
C HIS C 134 -19.88 -24.24 2.58
N GLN C 135 -19.66 -24.73 1.37
CA GLN C 135 -18.38 -25.36 1.01
C GLN C 135 -17.19 -24.39 1.11
N GLN C 136 -17.38 -23.13 0.71
CA GLN C 136 -16.32 -22.11 0.88
C GLN C 136 -15.93 -21.95 2.35
N ARG C 137 -16.92 -22.03 3.23
CA ARG C 137 -16.66 -21.86 4.65
C ARG C 137 -15.91 -23.07 5.20
N VAL C 138 -16.39 -24.28 4.88
CA VAL C 138 -15.69 -25.53 5.22
C VAL C 138 -14.27 -25.55 4.64
N GLU C 139 -14.09 -25.06 3.40
CA GLU C 139 -12.77 -25.03 2.77
C GLU C 139 -11.81 -24.12 3.52
N ALA C 140 -12.36 -23.03 4.07
CA ALA C 140 -11.59 -22.13 4.93
C ALA C 140 -11.19 -22.78 6.26
N ILE C 141 -12.00 -23.69 6.80
CA ILE C 141 -11.58 -24.43 8.02
C ILE C 141 -10.35 -25.29 7.71
N THR C 142 -10.44 -26.02 6.60
CA THR C 142 -9.35 -26.86 6.11
C THR C 142 -8.10 -26.04 5.83
N ALA C 143 -8.30 -24.83 5.31
CA ALA C 143 -7.19 -23.93 5.02
C ALA C 143 -6.37 -23.58 6.27
N ILE C 144 -7.04 -23.47 7.43
CA ILE C 144 -6.36 -23.21 8.70
C ILE C 144 -5.42 -24.36 9.09
N GLU C 145 -5.90 -25.60 8.90
CA GLU C 145 -5.09 -26.82 9.08
C GLU C 145 -3.85 -26.78 8.21
N GLN C 146 -4.01 -26.12 7.07
CA GLN C 146 -2.96 -25.53 6.22
C GLN C 146 -3.10 -26.02 4.79
N ARG C 147 -4.30 -25.80 4.23
CA ARG C 147 -4.58 -25.93 2.79
C ARG C 147 -4.99 -24.59 2.15
N MET D 1 -9.41 -13.83 33.12
CA MET D 1 -10.07 -13.34 31.87
C MET D 1 -10.51 -11.88 32.03
N LYS D 2 -9.54 -10.96 32.02
CA LYS D 2 -9.82 -9.53 32.13
C LYS D 2 -10.03 -8.85 30.78
N LYS D 3 -9.36 -9.33 29.74
CA LYS D 3 -9.67 -8.88 28.39
C LYS D 3 -9.97 -10.01 27.42
N ILE D 4 -10.97 -9.76 26.58
CA ILE D 4 -11.57 -10.78 25.74
C ILE D 4 -11.65 -10.23 24.33
N ALA D 5 -11.25 -11.05 23.37
CA ALA D 5 -11.49 -10.72 21.98
C ALA D 5 -12.84 -11.33 21.62
N PHE D 6 -13.73 -10.50 21.06
CA PHE D 6 -15.07 -10.92 20.67
C PHE D 6 -15.20 -10.97 19.15
N GLY D 7 -15.85 -12.01 18.64
CA GLY D 7 -16.14 -12.15 17.22
C GLY D 7 -17.47 -12.83 16.94
N CYS D 8 -18.07 -12.48 15.79
CA CYS D 8 -19.32 -13.10 15.38
C CYS D 8 -19.54 -12.95 13.88
N ASP D 9 -20.37 -13.83 13.32
CA ASP D 9 -20.85 -13.60 11.96
C ASP D 9 -22.18 -12.83 12.02
N HIS D 10 -22.84 -12.74 10.86
CA HIS D 10 -24.09 -12.01 10.73
C HIS D 10 -25.25 -12.58 11.57
N VAL D 11 -25.24 -13.88 11.83
CA VAL D 11 -26.30 -14.52 12.60
C VAL D 11 -26.01 -14.39 14.09
N GLY D 12 -24.76 -14.60 14.49
CA GLY D 12 -24.33 -14.36 15.87
C GLY D 12 -24.47 -12.90 16.32
N PHE D 13 -24.38 -11.99 15.34
CA PHE D 13 -24.56 -10.54 15.56
C PHE D 13 -25.83 -10.17 16.34
N ILE D 14 -26.91 -10.94 16.20
CA ILE D 14 -28.14 -10.60 16.95
C ILE D 14 -27.97 -10.57 18.49
N LEU D 15 -26.93 -11.24 19.00
CA LEU D 15 -26.62 -11.22 20.43
C LEU D 15 -25.49 -10.27 20.77
N LYS D 16 -24.83 -9.69 19.75
CA LYS D 16 -23.58 -8.94 19.95
C LYS D 16 -23.68 -7.83 20.99
N HIS D 17 -24.51 -6.84 20.71
CA HIS D 17 -24.51 -5.62 21.55
C HIS D 17 -24.81 -5.96 23.00
N GLU D 18 -25.74 -6.89 23.21
CA GLU D 18 -26.13 -7.29 24.56
C GLU D 18 -25.07 -8.13 25.28
N ILE D 19 -24.40 -9.04 24.58
CA ILE D 19 -23.30 -9.78 25.20
C ILE D 19 -22.10 -8.86 25.50
N VAL D 20 -21.76 -7.98 24.57
CA VAL D 20 -20.67 -7.01 24.81
C VAL D 20 -20.95 -6.18 26.07
N ALA D 21 -22.18 -5.68 26.19
CA ALA D 21 -22.60 -4.90 27.36
C ALA D 21 -22.48 -5.69 28.66
N HIS D 22 -22.90 -6.96 28.61
CA HIS D 22 -22.80 -7.85 29.78
C HIS D 22 -21.32 -8.04 30.20
N LEU D 23 -20.43 -8.17 29.22
CA LEU D 23 -19.01 -8.32 29.48
C LEU D 23 -18.41 -7.06 30.12
N VAL D 24 -18.78 -5.89 29.58
CA VAL D 24 -18.37 -4.60 30.19
C VAL D 24 -18.90 -4.50 31.61
N GLU D 25 -20.18 -4.80 31.81
CA GLU D 25 -20.73 -4.86 33.16
C GLU D 25 -19.95 -5.80 34.09
N ARG D 26 -19.45 -6.93 33.57
CA ARG D 26 -18.65 -7.85 34.39
C ARG D 26 -17.21 -7.37 34.58
N GLY D 27 -16.87 -6.22 34.02
CA GLY D 27 -15.55 -5.62 34.21
C GLY D 27 -14.49 -6.10 33.24
N VAL D 28 -14.91 -6.71 32.12
CA VAL D 28 -13.93 -7.13 31.13
C VAL D 28 -13.82 -6.13 29.99
N GLU D 29 -12.58 -5.94 29.55
CA GLU D 29 -12.29 -5.12 28.40
C GLU D 29 -12.47 -5.98 27.16
N VAL D 30 -13.35 -5.53 26.28
CA VAL D 30 -13.68 -6.25 25.08
C VAL D 30 -12.88 -5.66 23.92
N ILE D 31 -12.17 -6.53 23.20
CA ILE D 31 -11.56 -6.14 21.94
C ILE D 31 -12.44 -6.73 20.85
N ASP D 32 -13.11 -5.87 20.09
CA ASP D 32 -14.10 -6.27 19.10
C ASP D 32 -13.47 -6.58 17.73
N LYS D 33 -13.62 -7.81 17.28
CA LYS D 33 -13.07 -8.26 15.99
C LYS D 33 -14.16 -8.28 14.92
N GLY D 34 -15.37 -7.86 15.26
CA GLY D 34 -16.48 -7.84 14.32
C GLY D 34 -17.24 -9.14 14.39
N THR D 35 -18.28 -9.32 13.56
CA THR D 35 -18.69 -8.36 12.52
C THR D 35 -19.49 -7.17 13.07
N TRP D 36 -19.89 -6.25 12.20
CA TRP D 36 -20.51 -4.99 12.64
C TRP D 36 -21.91 -4.73 12.07
N SER D 37 -22.46 -5.69 11.33
CA SER D 37 -23.81 -5.59 10.80
C SER D 37 -24.36 -6.98 10.56
N SER D 38 -25.65 -7.05 10.21
CA SER D 38 -26.29 -8.30 9.84
C SER D 38 -26.05 -8.72 8.39
N GLU D 39 -25.12 -8.04 7.70
CA GLU D 39 -24.80 -8.36 6.32
C GLU D 39 -24.08 -9.70 6.24
N ARG D 40 -24.51 -10.55 5.31
CA ARG D 40 -23.95 -11.89 5.14
C ARG D 40 -22.42 -11.86 5.10
N THR D 41 -21.79 -12.69 5.94
CA THR D 41 -20.33 -12.76 6.03
C THR D 41 -19.92 -14.17 6.50
N ASP D 42 -18.62 -14.50 6.39
CA ASP D 42 -18.13 -15.86 6.66
C ASP D 42 -17.53 -15.97 8.04
N TYR D 43 -17.99 -16.96 8.82
CA TYR D 43 -17.58 -17.16 10.21
C TYR D 43 -16.09 -17.52 10.45
N PRO D 44 -15.44 -18.29 9.54
CA PRO D 44 -14.03 -18.64 9.79
C PRO D 44 -13.08 -17.44 9.94
N HIS D 45 -13.34 -16.36 9.20
CA HIS D 45 -12.56 -15.13 9.36
C HIS D 45 -12.56 -14.56 10.79
N TYR D 46 -13.73 -14.55 11.44
CA TYR D 46 -13.84 -13.93 12.77
C TYR D 46 -13.25 -14.86 13.84
N ALA D 47 -13.45 -16.16 13.64
CA ALA D 47 -12.75 -17.21 14.39
C ALA D 47 -11.23 -16.97 14.39
N SER D 48 -10.66 -16.76 13.21
CA SER D 48 -9.23 -16.47 13.06
C SER D 48 -8.76 -15.24 13.84
N GLN D 49 -9.48 -14.12 13.69
CA GLN D 49 -9.13 -12.86 14.37
C GLN D 49 -9.05 -13.03 15.89
N VAL D 50 -10.08 -13.65 16.44
CA VAL D 50 -10.15 -13.96 17.87
C VAL D 50 -9.08 -14.97 18.27
N ALA D 51 -8.98 -16.06 17.52
CA ALA D 51 -8.01 -17.13 17.82
C ALA D 51 -6.55 -16.63 17.80
N LEU D 52 -6.22 -15.81 16.80
CA LEU D 52 -4.90 -15.16 16.72
C LEU D 52 -4.62 -14.25 17.90
N ALA D 53 -5.63 -13.51 18.34
CA ALA D 53 -5.47 -12.60 19.47
C ALA D 53 -5.23 -13.35 20.77
N VAL D 54 -5.92 -14.47 20.96
CA VAL D 54 -5.76 -15.30 22.16
C VAL D 54 -4.43 -16.06 22.12
N ALA D 55 -4.13 -16.69 20.98
CA ALA D 55 -2.92 -17.48 20.83
C ALA D 55 -1.67 -16.57 20.94
N GLY D 56 -1.76 -15.37 20.35
CA GLY D 56 -0.71 -14.35 20.43
C GLY D 56 -0.58 -13.59 21.76
N GLY D 57 -1.44 -13.89 22.72
CA GLY D 57 -1.30 -13.34 24.07
C GLY D 57 -1.73 -11.89 24.24
N GLU D 58 -2.26 -11.30 23.17
CA GLU D 58 -2.77 -9.92 23.25
C GLU D 58 -4.08 -9.80 24.07
N VAL D 59 -4.66 -10.96 24.41
CA VAL D 59 -5.95 -11.03 25.07
C VAL D 59 -5.95 -12.29 25.96
N ASP D 60 -6.80 -12.33 26.98
CA ASP D 60 -6.83 -13.48 27.90
C ASP D 60 -7.68 -14.64 27.37
N GLY D 61 -8.71 -14.32 26.61
CA GLY D 61 -9.64 -15.31 26.08
C GLY D 61 -10.44 -14.74 24.94
N GLY D 62 -11.33 -15.57 24.39
CA GLY D 62 -12.14 -15.20 23.25
C GLY D 62 -13.58 -15.67 23.41
N ILE D 63 -14.51 -14.90 22.85
CA ILE D 63 -15.92 -15.28 22.82
C ILE D 63 -16.41 -15.12 21.40
N LEU D 64 -17.01 -16.17 20.88
CA LEU D 64 -17.47 -16.24 19.51
C LEU D 64 -18.94 -16.67 19.45
N ILE D 65 -19.71 -16.05 18.57
CA ILE D 65 -21.11 -16.40 18.36
C ILE D 65 -21.41 -16.57 16.88
N CYS D 66 -22.03 -17.69 16.53
CA CYS D 66 -22.66 -17.84 15.22
C CYS D 66 -24.08 -18.39 15.42
N GLY D 67 -24.68 -18.97 14.38
CA GLY D 67 -26.02 -19.54 14.52
C GLY D 67 -26.06 -20.58 15.64
N THR D 68 -25.06 -21.46 15.69
CA THR D 68 -24.99 -22.53 16.67
C THR D 68 -23.75 -22.46 17.53
N GLY D 69 -22.75 -21.67 17.11
CA GLY D 69 -21.44 -21.64 17.74
C GLY D 69 -20.51 -22.78 17.30
N VAL D 70 -21.03 -23.76 16.58
CA VAL D 70 -20.29 -24.97 16.22
C VAL D 70 -19.23 -24.71 15.15
N GLY D 71 -19.64 -24.24 13.98
CA GLY D 71 -18.70 -23.96 12.90
C GLY D 71 -17.60 -23.01 13.34
N ILE D 72 -17.99 -21.90 13.94
CA ILE D 72 -17.02 -20.90 14.39
C ILE D 72 -16.04 -21.47 15.45
N SER D 73 -16.51 -22.34 16.34
CA SER D 73 -15.63 -22.99 17.34
C SER D 73 -14.74 -24.09 16.75
N ILE D 74 -15.24 -24.81 15.74
CA ILE D 74 -14.40 -25.79 15.03
C ILE D 74 -13.18 -25.08 14.40
N ALA D 75 -13.46 -23.95 13.74
CA ALA D 75 -12.41 -23.10 13.13
C ALA D 75 -11.40 -22.61 14.15
N ALA D 76 -11.87 -22.14 15.31
CA ALA D 76 -10.96 -21.64 16.36
C ALA D 76 -10.06 -22.75 16.89
N ASN D 77 -10.63 -23.94 17.08
CA ASN D 77 -9.90 -25.10 17.61
C ASN D 77 -8.78 -25.62 16.69
N LYS D 78 -8.90 -25.33 15.39
CA LYS D 78 -7.83 -25.61 14.41
C LYS D 78 -6.53 -24.81 14.62
N PHE D 79 -6.58 -23.74 15.40
CA PHE D 79 -5.39 -22.95 15.74
C PHE D 79 -4.65 -23.54 16.94
N ALA D 80 -3.33 -23.47 16.92
CA ALA D 80 -2.49 -23.98 18.01
C ALA D 80 -2.65 -23.10 19.24
N GLY D 81 -2.70 -23.73 20.40
CA GLY D 81 -2.89 -23.00 21.65
C GLY D 81 -4.35 -22.66 21.98
N ILE D 82 -5.29 -22.90 21.07
CA ILE D 82 -6.70 -22.63 21.35
C ILE D 82 -7.42 -23.88 21.85
N ARG D 83 -8.20 -23.71 22.92
CA ARG D 83 -9.09 -24.75 23.41
C ARG D 83 -10.48 -24.10 23.55
N ALA D 84 -11.35 -24.40 22.60
CA ALA D 84 -12.64 -23.73 22.47
C ALA D 84 -13.78 -24.66 22.85
N VAL D 85 -14.63 -24.21 23.78
CA VAL D 85 -15.87 -24.92 24.14
C VAL D 85 -17.07 -24.27 23.44
N VAL D 86 -17.89 -25.10 22.78
CA VAL D 86 -19.21 -24.67 22.34
C VAL D 86 -20.24 -25.40 23.22
N CYS D 87 -21.24 -24.67 23.71
CA CYS D 87 -22.29 -25.26 24.53
C CYS D 87 -23.56 -24.43 24.54
N SER D 88 -24.61 -25.01 25.11
CA SER D 88 -25.88 -24.34 25.31
C SER D 88 -26.37 -24.42 26.77
N GLU D 89 -25.48 -24.78 27.69
CA GLU D 89 -25.76 -24.72 29.11
C GLU D 89 -24.44 -24.42 29.84
N PRO D 90 -24.50 -23.87 31.07
CA PRO D 90 -23.30 -23.40 31.78
C PRO D 90 -22.41 -24.47 32.44
N TYR D 91 -22.93 -25.69 32.69
CA TYR D 91 -22.10 -26.74 33.25
C TYR D 91 -20.91 -27.10 32.33
N SER D 92 -21.17 -27.35 31.06
CA SER D 92 -20.11 -27.66 30.09
C SER D 92 -19.06 -26.54 30.01
N ALA D 93 -19.54 -25.29 30.01
CA ALA D 93 -18.64 -24.13 30.02
C ALA D 93 -17.74 -24.09 31.28
N GLN D 94 -18.36 -24.21 32.45
CA GLN D 94 -17.65 -24.23 33.74
C GLN D 94 -16.62 -25.36 33.81
N LEU D 95 -17.06 -26.60 33.59
CA LEU D 95 -16.15 -27.74 33.67
C LEU D 95 -14.98 -27.70 32.66
N SER D 96 -15.24 -27.13 31.49
CA SER D 96 -14.20 -27.00 30.45
C SER D 96 -13.09 -26.01 30.86
N ARG D 97 -13.42 -25.04 31.72
CA ARG D 97 -12.41 -24.16 32.29
C ARG D 97 -11.62 -24.96 33.33
N GLN D 98 -12.33 -25.62 34.23
CA GLN D 98 -11.72 -26.36 35.34
C GLN D 98 -10.83 -27.53 34.87
N ASN D 99 -11.29 -28.27 33.87
CA ASN D 99 -10.65 -29.52 33.44
C ASN D 99 -9.81 -29.41 32.16
N ASN D 100 -10.26 -28.57 31.23
CA ASN D 100 -9.64 -28.43 29.91
C ASN D 100 -8.94 -27.08 29.71
N ASP D 101 -9.03 -26.19 30.69
CA ASP D 101 -8.42 -24.84 30.59
C ASP D 101 -8.81 -24.10 29.31
N THR D 102 -10.09 -24.13 28.97
CA THR D 102 -10.53 -23.49 27.72
C THR D 102 -10.26 -21.98 27.72
N ASN D 103 -9.79 -21.46 26.59
CA ASN D 103 -9.55 -20.05 26.46
C ASN D 103 -10.47 -19.38 25.44
N VAL D 104 -11.35 -20.17 24.81
CA VAL D 104 -12.40 -19.63 23.92
C VAL D 104 -13.76 -20.28 24.23
N LEU D 105 -14.79 -19.45 24.31
CA LEU D 105 -16.18 -19.89 24.52
C LEU D 105 -17.01 -19.48 23.30
N ALA D 106 -17.85 -20.41 22.83
CA ALA D 106 -18.75 -20.15 21.74
C ALA D 106 -20.15 -20.64 22.10
N PHE D 107 -21.15 -20.03 21.47
CA PHE D 107 -22.54 -20.47 21.60
C PHE D 107 -23.31 -19.93 20.43
N GLY D 108 -24.58 -20.32 20.32
CA GLY D 108 -25.34 -20.09 19.10
C GLY D 108 -26.54 -19.19 19.30
N SER D 109 -26.65 -18.13 18.51
CA SER D 109 -27.79 -17.19 18.63
C SER D 109 -29.15 -17.79 18.27
N ARG D 110 -29.14 -18.91 17.54
CA ARG D 110 -30.36 -19.59 17.19
C ARG D 110 -30.65 -20.77 18.10
N VAL D 111 -29.77 -21.02 19.07
CA VAL D 111 -29.90 -22.13 20.01
C VAL D 111 -30.27 -21.61 21.40
N VAL D 112 -29.48 -20.67 21.93
CA VAL D 112 -29.73 -20.12 23.27
C VAL D 112 -30.30 -18.72 23.17
N GLY D 113 -31.23 -18.40 24.09
CA GLY D 113 -31.71 -17.05 24.29
C GLY D 113 -30.71 -16.26 25.09
N LEU D 114 -30.96 -14.96 25.18
CA LEU D 114 -29.99 -14.01 25.69
C LEU D 114 -29.61 -14.26 27.15
N GLU D 115 -30.59 -14.59 27.98
CA GLU D 115 -30.34 -14.70 29.41
C GLU D 115 -29.61 -16.00 29.80
N LEU D 116 -29.95 -17.09 29.12
CA LEU D 116 -29.17 -18.32 29.20
C LEU D 116 -27.73 -18.06 28.73
N ALA D 117 -27.58 -17.36 27.60
CA ALA D 117 -26.26 -17.02 27.09
C ALA D 117 -25.41 -16.26 28.14
N LYS D 118 -26.03 -15.28 28.81
CA LYS D 118 -25.37 -14.52 29.88
C LYS D 118 -24.95 -15.42 31.04
N MET D 119 -25.80 -16.36 31.40
CA MET D 119 -25.47 -17.34 32.45
C MET D 119 -24.28 -18.22 32.03
N ILE D 120 -24.24 -18.64 30.78
CA ILE D 120 -23.12 -19.45 30.24
C ILE D 120 -21.81 -18.65 30.30
N VAL D 121 -21.88 -17.40 29.87
CA VAL D 121 -20.75 -16.48 29.96
C VAL D 121 -20.27 -16.33 31.41
N ASP D 122 -21.17 -16.12 32.36
CA ASP D 122 -20.78 -15.99 33.77
C ASP D 122 -20.13 -17.25 34.35
N ALA D 123 -20.68 -18.41 33.98
CA ALA D 123 -20.15 -19.68 34.47
C ALA D 123 -18.72 -19.86 33.95
N TRP D 124 -18.50 -19.48 32.69
CA TRP D 124 -17.19 -19.57 32.05
C TRP D 124 -16.17 -18.61 32.69
N LEU D 125 -16.54 -17.33 32.81
CA LEU D 125 -15.65 -16.33 33.43
C LEU D 125 -15.38 -16.63 34.90
N GLY D 126 -16.34 -17.24 35.57
CA GLY D 126 -16.22 -17.52 36.99
C GLY D 126 -15.36 -18.71 37.37
N ALA D 127 -15.12 -19.62 36.42
CA ALA D 127 -14.39 -20.89 36.69
C ALA D 127 -12.87 -20.76 36.55
N GLN D 128 -12.12 -21.46 37.40
CA GLN D 128 -10.65 -21.52 37.33
C GLN D 128 -10.14 -22.91 36.99
N TYR D 129 -9.12 -22.97 36.15
CA TYR D 129 -8.48 -24.25 35.78
C TYR D 129 -7.88 -24.96 36.99
N GLU D 130 -8.25 -26.23 37.19
CA GLU D 130 -7.85 -26.97 38.40
C GLU D 130 -6.48 -27.66 38.30
N GLY D 131 -5.87 -27.65 37.12
CA GLY D 131 -4.58 -28.32 36.89
C GLY D 131 -4.57 -29.76 37.39
N GLY D 132 -3.54 -30.09 38.17
CA GLY D 132 -3.44 -31.41 38.81
C GLY D 132 -3.48 -32.56 37.81
N ARG D 133 -4.34 -33.55 38.07
CA ARG D 133 -4.49 -34.70 37.17
C ARG D 133 -4.94 -34.32 35.74
N HIS D 134 -5.59 -33.17 35.58
CA HIS D 134 -6.08 -32.71 34.27
C HIS D 134 -4.95 -32.24 33.34
N GLN D 135 -3.81 -31.87 33.91
CA GLN D 135 -2.70 -31.32 33.12
C GLN D 135 -2.13 -32.32 32.10
N GLN D 136 -1.92 -33.57 32.53
CA GLN D 136 -1.45 -34.62 31.62
C GLN D 136 -2.38 -34.78 30.40
N ARG D 137 -3.69 -34.68 30.64
CA ARG D 137 -4.68 -34.75 29.55
C ARG D 137 -4.59 -33.53 28.62
N VAL D 138 -4.50 -32.33 29.19
CA VAL D 138 -4.39 -31.12 28.38
C VAL D 138 -3.09 -31.13 27.55
N GLU D 139 -2.00 -31.60 28.18
CA GLU D 139 -0.72 -31.78 27.49
C GLU D 139 -0.80 -32.78 26.33
N ALA D 140 -1.63 -33.82 26.48
CA ALA D 140 -1.90 -34.74 25.37
C ALA D 140 -2.58 -34.04 24.18
N ILE D 141 -3.44 -33.06 24.46
CA ILE D 141 -4.08 -32.26 23.40
C ILE D 141 -3.03 -31.46 22.59
N THR D 142 -2.16 -30.75 23.31
CA THR D 142 -0.99 -30.09 22.72
C THR D 142 -0.13 -31.04 21.86
N ALA D 143 0.14 -32.24 22.37
CA ALA D 143 0.83 -33.26 21.60
C ALA D 143 0.19 -33.48 20.21
N ILE D 144 -1.15 -33.59 20.16
CA ILE D 144 -1.87 -33.80 18.88
C ILE D 144 -1.58 -32.65 17.89
N GLU D 145 -1.47 -31.44 18.43
CA GLU D 145 -1.22 -30.24 17.64
C GLU D 145 0.08 -30.28 16.86
N GLN D 146 1.06 -31.05 17.36
CA GLN D 146 2.39 -31.14 16.75
C GLN D 146 2.76 -32.58 16.40
N MET E 1 9.90 -7.56 3.64
CA MET E 1 9.33 -7.83 2.30
C MET E 1 10.19 -8.86 1.55
N LYS E 2 10.03 -10.14 1.88
CA LYS E 2 10.83 -11.22 1.25
C LYS E 2 10.11 -11.89 0.06
N LYS E 3 8.78 -11.97 0.14
CA LYS E 3 7.93 -12.53 -0.91
C LYS E 3 6.98 -11.46 -1.44
N ILE E 4 7.04 -11.21 -2.75
CA ILE E 4 6.22 -10.20 -3.41
C ILE E 4 5.41 -10.81 -4.55
N ALA E 5 4.10 -10.57 -4.53
CA ALA E 5 3.25 -10.82 -5.69
C ALA E 5 3.39 -9.66 -6.69
N PHE E 6 3.66 -10.00 -7.95
CA PHE E 6 3.82 -9.00 -9.02
C PHE E 6 2.67 -9.08 -10.02
N GLY E 7 2.13 -7.92 -10.42
CA GLY E 7 1.15 -7.89 -11.50
C GLY E 7 1.27 -6.67 -12.38
N CYS E 8 0.86 -6.82 -13.64
CA CYS E 8 0.84 -5.71 -14.57
C CYS E 8 -0.13 -5.96 -15.72
N ASP E 9 -0.44 -4.89 -16.45
CA ASP E 9 -1.13 -5.01 -17.72
C ASP E 9 -0.12 -4.92 -18.85
N HIS E 10 -0.62 -4.81 -20.07
CA HIS E 10 0.21 -4.81 -21.25
C HIS E 10 1.09 -3.57 -21.38
N VAL E 11 0.67 -2.46 -20.79
CA VAL E 11 1.47 -1.24 -20.78
C VAL E 11 2.52 -1.32 -19.67
N GLY E 12 2.08 -1.71 -18.48
CA GLY E 12 3.03 -1.95 -17.41
C GLY E 12 4.08 -2.98 -17.79
N PHE E 13 3.73 -3.88 -18.71
CA PHE E 13 4.62 -4.97 -19.14
C PHE E 13 5.96 -4.49 -19.68
N ILE E 14 6.03 -3.27 -20.20
CA ILE E 14 7.31 -2.78 -20.72
C ILE E 14 8.42 -2.68 -19.64
N LEU E 15 8.05 -2.60 -18.35
CA LEU E 15 9.01 -2.57 -17.24
C LEU E 15 9.12 -3.92 -16.50
N LYS E 16 8.30 -4.91 -16.86
CA LYS E 16 8.21 -6.17 -16.10
C LYS E 16 9.56 -6.88 -15.95
N HIS E 17 10.20 -7.18 -17.08
CA HIS E 17 11.41 -8.03 -17.04
C HIS E 17 12.53 -7.44 -16.16
N GLU E 18 12.78 -6.14 -16.31
CA GLU E 18 13.82 -5.49 -15.51
C GLU E 18 13.39 -5.26 -14.05
N ILE E 19 12.10 -4.99 -13.80
CA ILE E 19 11.66 -4.81 -12.40
C ILE E 19 11.72 -6.17 -11.68
N VAL E 20 11.22 -7.22 -12.33
CA VAL E 20 11.30 -8.56 -11.74
C VAL E 20 12.78 -8.96 -11.54
N ALA E 21 13.65 -8.74 -12.52
CA ALA E 21 15.08 -9.02 -12.38
C ALA E 21 15.70 -8.25 -11.19
N HIS E 22 15.33 -6.99 -11.03
CA HIS E 22 15.83 -6.17 -9.91
C HIS E 22 15.41 -6.70 -8.57
N LEU E 23 14.14 -7.12 -8.45
CA LEU E 23 13.65 -7.73 -7.23
C LEU E 23 14.45 -9.01 -6.87
N VAL E 24 14.72 -9.83 -7.88
CA VAL E 24 15.49 -11.07 -7.65
C VAL E 24 16.92 -10.72 -7.19
N GLU E 25 17.54 -9.72 -7.83
CA GLU E 25 18.85 -9.21 -7.39
C GLU E 25 18.87 -8.77 -5.94
N ARG E 26 17.76 -8.22 -5.46
CA ARG E 26 17.63 -7.77 -4.06
C ARG E 26 17.18 -8.88 -3.11
N GLY E 27 17.17 -10.13 -3.57
CA GLY E 27 16.82 -11.27 -2.71
C GLY E 27 15.34 -11.42 -2.43
N VAL E 28 14.50 -10.86 -3.29
CA VAL E 28 13.06 -11.00 -3.14
C VAL E 28 12.58 -12.18 -4.02
N GLU E 29 11.72 -13.01 -3.45
CA GLU E 29 11.06 -14.09 -4.20
C GLU E 29 9.79 -13.54 -4.82
N VAL E 30 9.72 -13.56 -6.15
CA VAL E 30 8.59 -12.98 -6.88
C VAL E 30 7.55 -14.01 -7.26
N ILE E 31 6.31 -13.83 -6.81
CA ILE E 31 5.17 -14.62 -7.28
C ILE E 31 4.50 -13.86 -8.45
N ASP E 32 4.71 -14.36 -9.67
CA ASP E 32 4.25 -13.64 -10.88
C ASP E 32 2.78 -13.92 -11.18
N LYS E 33 1.93 -12.89 -11.08
CA LYS E 33 0.51 -13.02 -11.41
C LYS E 33 0.22 -12.58 -12.85
N GLY E 34 1.25 -12.25 -13.62
CA GLY E 34 1.06 -11.81 -14.99
C GLY E 34 0.81 -10.30 -15.06
N THR E 35 0.60 -9.73 -16.25
CA THR E 35 0.57 -10.46 -17.51
C THR E 35 1.95 -10.83 -18.08
N TRP E 36 1.95 -11.52 -19.21
CA TRP E 36 3.13 -12.19 -19.76
C TRP E 36 3.53 -11.75 -21.16
N SER E 37 2.85 -10.76 -21.72
CA SER E 37 3.17 -10.25 -23.05
C SER E 37 2.56 -8.89 -23.22
N SER E 38 2.74 -8.31 -24.39
CA SER E 38 2.19 -6.99 -24.69
C SER E 38 0.78 -7.02 -25.32
N GLU E 39 0.14 -8.19 -25.33
CA GLU E 39 -1.23 -8.29 -25.82
C GLU E 39 -2.18 -7.59 -24.86
N ARG E 40 -3.09 -6.80 -25.41
CA ARG E 40 -3.93 -5.94 -24.61
C ARG E 40 -4.69 -6.79 -23.60
N THR E 41 -4.77 -6.29 -22.37
CA THR E 41 -5.44 -6.99 -21.28
C THR E 41 -5.95 -5.95 -20.27
N ASP E 42 -6.92 -6.32 -19.45
CA ASP E 42 -7.52 -5.41 -18.48
C ASP E 42 -6.82 -5.44 -17.11
N TYR E 43 -6.40 -4.28 -16.62
CA TYR E 43 -5.64 -4.17 -15.36
C TYR E 43 -6.36 -4.61 -14.04
N PRO E 44 -7.70 -4.49 -13.96
CA PRO E 44 -8.34 -4.92 -12.67
C PRO E 44 -8.10 -6.39 -12.28
N HIS E 45 -8.07 -7.28 -13.27
CA HIS E 45 -7.76 -8.71 -13.01
C HIS E 45 -6.42 -8.90 -12.28
N TYR E 46 -5.37 -8.21 -12.73
CA TYR E 46 -4.04 -8.38 -12.14
C TYR E 46 -3.93 -7.70 -10.78
N ALA E 47 -4.61 -6.56 -10.63
CA ALA E 47 -4.83 -5.97 -9.30
C ALA E 47 -5.46 -6.97 -8.32
N SER E 48 -6.51 -7.66 -8.74
CA SER E 48 -7.20 -8.65 -7.90
C SER E 48 -6.30 -9.82 -7.51
N GLN E 49 -5.62 -10.40 -8.51
CA GLN E 49 -4.65 -11.48 -8.27
C GLN E 49 -3.60 -11.13 -7.18
N VAL E 50 -3.08 -9.91 -7.25
CA VAL E 50 -2.05 -9.47 -6.32
C VAL E 50 -2.66 -9.20 -4.96
N ALA E 51 -3.79 -8.49 -4.97
CA ALA E 51 -4.48 -8.09 -3.76
C ALA E 51 -4.94 -9.31 -2.96
N LEU E 52 -5.54 -10.28 -3.66
CA LEU E 52 -5.99 -11.52 -3.01
C LEU E 52 -4.82 -12.24 -2.35
N ALA E 53 -3.68 -12.27 -3.05
CA ALA E 53 -2.44 -12.83 -2.53
C ALA E 53 -1.92 -12.12 -1.28
N VAL E 54 -1.94 -10.78 -1.30
CA VAL E 54 -1.46 -10.01 -0.15
C VAL E 54 -2.44 -10.15 1.02
N ALA E 55 -3.72 -9.96 0.76
CA ALA E 55 -4.76 -10.02 1.80
C ALA E 55 -4.83 -11.39 2.51
N GLY E 56 -4.54 -12.46 1.78
CA GLY E 56 -4.58 -13.81 2.34
C GLY E 56 -3.27 -14.28 2.95
N GLY E 57 -2.29 -13.38 3.07
CA GLY E 57 -1.00 -13.72 3.68
C GLY E 57 -0.17 -14.73 2.91
N GLU E 58 -0.44 -14.88 1.61
CA GLU E 58 0.38 -15.72 0.75
C GLU E 58 1.72 -15.05 0.43
N VAL E 59 1.76 -13.72 0.47
CA VAL E 59 2.99 -12.98 0.22
C VAL E 59 3.08 -11.83 1.22
N ASP E 60 4.25 -11.21 1.34
CA ASP E 60 4.45 -10.07 2.23
C ASP E 60 3.89 -8.75 1.66
N GLY E 61 3.90 -8.62 0.35
CA GLY E 61 3.36 -7.41 -0.30
C GLY E 61 3.26 -7.60 -1.80
N GLY E 62 2.79 -6.56 -2.48
CA GLY E 62 2.50 -6.62 -3.89
C GLY E 62 3.08 -5.43 -4.63
N ILE E 63 3.42 -5.67 -5.90
CA ILE E 63 3.89 -4.63 -6.79
C ILE E 63 3.11 -4.67 -8.11
N LEU E 64 2.55 -3.53 -8.50
CA LEU E 64 1.71 -3.41 -9.67
C LEU E 64 2.17 -2.29 -10.60
N ILE E 65 2.13 -2.58 -11.91
CA ILE E 65 2.54 -1.64 -12.95
C ILE E 65 1.47 -1.57 -14.02
N CYS E 66 1.00 -0.35 -14.30
CA CYS E 66 0.27 -0.04 -15.53
C CYS E 66 0.83 1.26 -16.12
N GLY E 67 0.10 1.91 -17.03
CA GLY E 67 0.56 3.12 -17.68
C GLY E 67 0.94 4.20 -16.68
N THR E 68 0.06 4.44 -15.71
CA THR E 68 0.31 5.41 -14.64
C THR E 68 0.39 4.79 -13.25
N GLY E 69 -0.14 3.58 -13.12
CA GLY E 69 -0.24 2.91 -11.83
C GLY E 69 -1.50 3.28 -11.04
N VAL E 70 -2.24 4.28 -11.50
CA VAL E 70 -3.33 4.83 -10.69
C VAL E 70 -4.54 3.88 -10.70
N GLY E 71 -5.02 3.55 -11.89
CA GLY E 71 -6.20 2.66 -12.01
C GLY E 71 -5.99 1.32 -11.33
N ILE E 72 -4.82 0.72 -11.55
CA ILE E 72 -4.46 -0.57 -10.95
C ILE E 72 -4.39 -0.49 -9.41
N SER E 73 -3.86 0.63 -8.88
CA SER E 73 -3.81 0.87 -7.45
C SER E 73 -5.18 1.24 -6.81
N ILE E 74 -6.04 1.93 -7.55
CA ILE E 74 -7.43 2.17 -7.12
C ILE E 74 -8.18 0.82 -6.98
N ALA E 75 -8.11 -0.03 -8.01
CA ALA E 75 -8.62 -1.41 -7.93
C ALA E 75 -8.10 -2.16 -6.70
N ALA E 76 -6.77 -2.19 -6.52
CA ALA E 76 -6.18 -2.88 -5.37
C ALA E 76 -6.69 -2.36 -4.02
N ASN E 77 -6.86 -1.03 -3.92
CA ASN E 77 -7.32 -0.43 -2.67
C ASN E 77 -8.78 -0.76 -2.34
N LYS E 78 -9.55 -1.17 -3.34
CA LYS E 78 -10.93 -1.61 -3.11
C LYS E 78 -11.03 -2.93 -2.36
N PHE E 79 -9.93 -3.68 -2.27
CA PHE E 79 -9.85 -4.92 -1.47
C PHE E 79 -9.59 -4.64 0.01
N ALA E 80 -10.30 -5.40 0.86
CA ALA E 80 -10.09 -5.40 2.31
C ALA E 80 -8.68 -5.86 2.66
N GLY E 81 -8.03 -5.12 3.55
CA GLY E 81 -6.67 -5.44 3.96
C GLY E 81 -5.54 -4.84 3.13
N ILE E 82 -5.86 -4.22 2.01
CA ILE E 82 -4.84 -3.62 1.13
C ILE E 82 -4.72 -2.11 1.38
N ARG E 83 -3.49 -1.67 1.57
CA ARG E 83 -3.11 -0.27 1.57
C ARG E 83 -2.04 -0.09 0.47
N ALA E 84 -2.46 0.49 -0.64
CA ALA E 84 -1.63 0.56 -1.83
C ALA E 84 -1.21 2.00 -2.06
N VAL E 85 0.08 2.19 -2.27
CA VAL E 85 0.61 3.51 -2.65
C VAL E 85 0.90 3.54 -4.15
N VAL E 86 0.41 4.58 -4.84
CA VAL E 86 0.92 4.92 -6.18
C VAL E 86 1.76 6.19 -6.16
N CYS E 87 2.92 6.17 -6.82
CA CYS E 87 3.81 7.34 -6.83
C CYS E 87 4.81 7.36 -7.98
N SER E 88 5.50 8.49 -8.11
CA SER E 88 6.57 8.64 -9.10
C SER E 88 7.88 9.16 -8.49
N GLU E 89 8.01 9.05 -7.17
CA GLU E 89 9.25 9.39 -6.50
C GLU E 89 9.32 8.58 -5.21
N PRO E 90 10.53 8.38 -4.65
CA PRO E 90 10.75 7.46 -3.52
C PRO E 90 10.28 7.89 -2.12
N TYR E 91 10.17 9.20 -1.89
CA TYR E 91 9.72 9.73 -0.59
C TYR E 91 8.30 9.26 -0.24
N SER E 92 7.38 9.41 -1.19
CA SER E 92 6.00 8.96 -1.01
C SER E 92 5.96 7.46 -0.67
N ALA E 93 6.72 6.66 -1.41
CA ALA E 93 6.77 5.20 -1.17
C ALA E 93 7.30 4.90 0.24
N GLN E 94 8.44 5.52 0.57
CA GLN E 94 9.09 5.35 1.88
C GLN E 94 8.20 5.75 3.05
N LEU E 95 7.60 6.94 2.99
CA LEU E 95 6.76 7.41 4.11
C LEU E 95 5.47 6.61 4.22
N SER E 96 4.92 6.17 3.09
CA SER E 96 3.73 5.31 3.09
C SER E 96 3.96 3.99 3.85
N ARG E 97 5.20 3.50 3.84
CA ARG E 97 5.56 2.32 4.62
C ARG E 97 5.64 2.71 6.09
N GLN E 98 6.40 3.76 6.36
CA GLN E 98 6.68 4.25 7.71
C GLN E 98 5.42 4.67 8.47
N ASN E 99 4.50 5.35 7.79
CA ASN E 99 3.33 5.89 8.45
C ASN E 99 2.04 5.15 8.18
N ASN E 100 1.88 4.61 6.97
CA ASN E 100 0.60 3.99 6.57
C ASN E 100 0.70 2.49 6.40
N ASP E 101 1.85 1.90 6.73
CA ASP E 101 2.09 0.45 6.61
C ASP E 101 1.62 -0.13 5.26
N THR E 102 1.94 0.56 4.15
CA THR E 102 1.38 0.10 2.86
C THR E 102 1.90 -1.28 2.48
N ASN E 103 1.03 -2.09 1.93
CA ASN E 103 1.43 -3.46 1.54
C ASN E 103 1.44 -3.68 0.02
N VAL E 104 1.01 -2.67 -0.74
CA VAL E 104 1.09 -2.69 -2.21
C VAL E 104 1.73 -1.37 -2.73
N LEU E 105 2.64 -1.50 -3.68
CA LEU E 105 3.30 -0.39 -4.37
C LEU E 105 2.97 -0.45 -5.86
N ALA E 106 2.54 0.69 -6.42
CA ALA E 106 2.26 0.84 -7.83
C ALA E 106 3.00 2.05 -8.42
N PHE E 107 3.31 1.95 -9.71
CA PHE E 107 3.84 3.05 -10.47
C PHE E 107 3.57 2.83 -11.96
N GLY E 108 3.88 3.85 -12.76
CA GLY E 108 3.48 3.95 -14.15
C GLY E 108 4.65 3.92 -15.12
N SER E 109 4.57 2.96 -16.05
CA SER E 109 5.60 2.76 -17.09
C SER E 109 5.64 3.90 -18.11
N ARG E 110 4.58 4.69 -18.17
CA ARG E 110 4.54 5.87 -19.00
C ARG E 110 4.85 7.17 -18.22
N VAL E 111 5.10 7.03 -16.91
CA VAL E 111 5.35 8.15 -15.99
C VAL E 111 6.80 8.17 -15.55
N VAL E 112 7.28 7.04 -15.00
CA VAL E 112 8.63 6.93 -14.53
C VAL E 112 9.48 6.08 -15.47
N GLY E 113 10.75 6.44 -15.57
CA GLY E 113 11.75 5.62 -16.24
C GLY E 113 12.21 4.49 -15.33
N LEU E 114 12.92 3.52 -15.91
CA LEU E 114 13.30 2.28 -15.20
C LEU E 114 14.12 2.47 -13.91
N GLU E 115 15.14 3.32 -13.97
CA GLU E 115 16.05 3.44 -12.84
C GLU E 115 15.41 4.20 -11.70
N LEU E 116 14.58 5.19 -12.00
CA LEU E 116 13.78 5.88 -10.99
C LEU E 116 12.80 4.89 -10.37
N ALA E 117 12.15 4.08 -11.19
CA ALA E 117 11.29 2.98 -10.67
C ALA E 117 12.06 2.07 -9.69
N LYS E 118 13.28 1.68 -10.05
CA LYS E 118 14.08 0.81 -9.17
C LYS E 118 14.39 1.48 -7.84
N MET E 119 14.72 2.77 -7.87
CA MET E 119 14.91 3.56 -6.65
C MET E 119 13.63 3.59 -5.80
N ILE E 120 12.46 3.73 -6.44
CA ILE E 120 11.18 3.76 -5.71
C ILE E 120 10.91 2.41 -5.04
N VAL E 121 11.12 1.34 -5.78
CA VAL E 121 11.07 -0.01 -5.23
C VAL E 121 12.04 -0.19 -4.03
N ASP E 122 13.28 0.27 -4.17
CA ASP E 122 14.28 0.12 -3.09
C ASP E 122 13.83 0.85 -1.82
N ALA E 123 13.28 2.05 -1.99
CA ALA E 123 12.86 2.90 -0.89
C ALA E 123 11.67 2.25 -0.16
N TRP E 124 10.74 1.70 -0.92
CA TRP E 124 9.59 1.01 -0.38
C TRP E 124 10.01 -0.26 0.37
N LEU E 125 10.88 -1.06 -0.26
CA LEU E 125 11.34 -2.34 0.34
C LEU E 125 12.23 -2.12 1.56
N GLY E 126 12.98 -1.02 1.57
CA GLY E 126 13.90 -0.72 2.67
C GLY E 126 13.27 -0.15 3.93
N ALA E 127 12.02 0.29 3.86
CA ALA E 127 11.41 1.10 4.92
C ALA E 127 10.62 0.22 5.87
N GLN E 128 10.69 0.54 7.15
CA GLN E 128 9.91 -0.17 8.18
C GLN E 128 8.75 0.67 8.64
N TYR E 129 7.63 0.01 8.94
CA TYR E 129 6.46 0.65 9.55
C TYR E 129 6.77 1.03 11.00
N GLU E 130 6.47 2.28 11.38
CA GLU E 130 6.88 2.78 12.70
C GLU E 130 5.85 2.55 13.82
N GLY E 131 4.61 2.18 13.46
CA GLY E 131 3.55 1.99 14.46
C GLY E 131 3.27 3.28 15.23
N GLY E 132 3.07 3.17 16.54
CA GLY E 132 2.92 4.37 17.38
C GLY E 132 1.65 5.15 17.09
N ARG E 133 1.79 6.47 16.97
CA ARG E 133 0.64 7.35 16.66
C ARG E 133 -0.04 7.00 15.34
N HIS E 134 0.69 6.34 14.45
CA HIS E 134 0.19 5.98 13.12
C HIS E 134 -0.86 4.84 13.13
N GLN E 135 -0.75 3.92 14.09
CA GLN E 135 -1.62 2.72 14.10
C GLN E 135 -3.11 3.08 14.20
N GLN E 136 -3.41 4.11 14.99
CA GLN E 136 -4.78 4.63 15.14
C GLN E 136 -5.36 5.10 13.80
N ARG E 137 -4.54 5.80 13.02
CA ARG E 137 -4.95 6.28 11.72
C ARG E 137 -5.19 5.10 10.76
N VAL E 138 -4.25 4.16 10.73
CA VAL E 138 -4.38 2.92 9.94
C VAL E 138 -5.62 2.13 10.37
N GLU E 139 -5.85 2.00 11.68
CA GLU E 139 -7.05 1.35 12.21
C GLU E 139 -8.32 2.02 11.70
N ALA E 140 -8.29 3.36 11.61
CA ALA E 140 -9.39 4.12 11.06
C ALA E 140 -9.64 3.83 9.57
N ILE E 141 -8.58 3.60 8.79
CA ILE E 141 -8.74 3.17 7.39
C ILE E 141 -9.49 1.82 7.33
N THR E 142 -9.03 0.88 8.14
CA THR E 142 -9.65 -0.44 8.25
C THR E 142 -11.10 -0.32 8.70
N ALA E 143 -11.37 0.64 9.58
CA ALA E 143 -12.72 0.89 10.07
C ALA E 143 -13.70 1.26 8.95
N ILE E 144 -13.23 2.02 7.95
CA ILE E 144 -14.05 2.37 6.78
C ILE E 144 -14.47 1.14 6.00
N GLU E 145 -13.53 0.18 5.86
CA GLU E 145 -13.82 -1.13 5.26
C GLU E 145 -14.87 -1.91 6.04
N GLN E 146 -15.20 -1.44 7.24
CA GLN E 146 -16.01 -2.09 8.28
C GLN E 146 -15.11 -3.09 9.01
N ARG E 147 -13.93 -2.59 9.38
CA ARG E 147 -12.94 -3.31 10.19
C ARG E 147 -12.73 -4.77 9.81
N MET F 1 -16.80 19.43 -13.01
CA MET F 1 -16.19 19.78 -11.69
C MET F 1 -16.40 21.27 -11.38
N LYS F 2 -17.65 21.64 -11.08
CA LYS F 2 -18.01 23.02 -10.76
C LYS F 2 -17.98 23.27 -9.27
N LYS F 3 -18.28 22.25 -8.47
CA LYS F 3 -18.07 22.37 -7.03
C LYS F 3 -17.36 21.17 -6.43
N ILE F 4 -16.49 21.49 -5.48
CA ILE F 4 -15.49 20.57 -4.98
C ILE F 4 -15.50 20.62 -3.47
N ALA F 5 -15.49 19.44 -2.84
CA ALA F 5 -15.29 19.36 -1.40
C ALA F 5 -13.79 19.26 -1.19
N PHE F 6 -13.24 20.17 -0.36
CA PHE F 6 -11.82 20.21 -0.01
C PHE F 6 -11.60 19.71 1.40
N GLY F 7 -10.55 18.92 1.61
CA GLY F 7 -10.13 18.47 2.94
C GLY F 7 -8.64 18.30 3.10
N CYS F 8 -8.14 18.51 4.32
CA CYS F 8 -6.72 18.33 4.60
C CYS F 8 -6.45 18.07 6.07
N ASP F 9 -5.31 17.46 6.38
CA ASP F 9 -4.87 17.40 7.77
C ASP F 9 -3.97 18.62 8.04
N HIS F 10 -3.32 18.59 9.20
CA HIS F 10 -2.47 19.69 9.66
C HIS F 10 -1.25 19.94 8.78
N VAL F 11 -0.72 18.89 8.17
CA VAL F 11 0.46 19.01 7.32
C VAL F 11 0.01 19.47 5.94
N GLY F 12 -1.06 18.89 5.41
CA GLY F 12 -1.67 19.36 4.16
C GLY F 12 -2.12 20.81 4.19
N PHE F 13 -2.49 21.28 5.39
CA PHE F 13 -2.95 22.64 5.65
C PHE F 13 -1.96 23.73 5.15
N ILE F 14 -0.67 23.43 5.10
CA ILE F 14 0.26 24.43 4.58
C ILE F 14 -0.05 24.90 3.15
N LEU F 15 -0.75 24.08 2.36
CA LEU F 15 -1.14 24.47 0.99
C LEU F 15 -2.58 24.94 0.87
N LYS F 16 -3.37 24.78 1.94
CA LYS F 16 -4.83 25.03 1.91
C LYS F 16 -5.23 26.36 1.31
N HIS F 17 -4.78 27.46 1.91
CA HIS F 17 -5.32 28.79 1.52
C HIS F 17 -5.02 29.10 0.08
N GLU F 18 -3.82 28.74 -0.36
CA GLU F 18 -3.40 28.98 -1.74
C GLU F 18 -4.11 28.09 -2.76
N ILE F 19 -4.29 26.81 -2.42
CA ILE F 19 -5.05 25.91 -3.30
C ILE F 19 -6.51 26.31 -3.39
N VAL F 20 -7.13 26.60 -2.24
CA VAL F 20 -8.52 27.10 -2.23
C VAL F 20 -8.69 28.32 -3.12
N ALA F 21 -7.82 29.31 -2.96
CA ALA F 21 -7.84 30.52 -3.81
C ALA F 21 -7.73 30.22 -5.30
N HIS F 22 -6.85 29.26 -5.63
CA HIS F 22 -6.67 28.82 -7.02
C HIS F 22 -7.97 28.18 -7.59
N LEU F 23 -8.64 27.39 -6.76
CA LEU F 23 -9.91 26.81 -7.15
C LEU F 23 -10.97 27.90 -7.41
N VAL F 24 -11.10 28.84 -6.48
CA VAL F 24 -12.02 29.99 -6.68
C VAL F 24 -11.64 30.75 -7.95
N GLU F 25 -10.36 31.05 -8.13
CA GLU F 25 -9.91 31.67 -9.39
C GLU F 25 -10.35 30.88 -10.64
N ARG F 26 -10.30 29.56 -10.57
CA ARG F 26 -10.72 28.70 -11.69
C ARG F 26 -12.24 28.58 -11.80
N GLY F 27 -12.97 29.15 -10.84
CA GLY F 27 -14.43 29.24 -10.90
C GLY F 27 -15.15 28.08 -10.26
N VAL F 28 -14.47 27.37 -9.34
CA VAL F 28 -15.14 26.29 -8.64
C VAL F 28 -15.59 26.77 -7.28
N GLU F 29 -16.78 26.34 -6.89
CA GLU F 29 -17.31 26.56 -5.57
C GLU F 29 -16.69 25.52 -4.65
N VAL F 30 -15.99 25.99 -3.63
CA VAL F 30 -15.31 25.12 -2.68
C VAL F 30 -16.14 24.92 -1.43
N ILE F 31 -16.42 23.67 -1.09
CA ILE F 31 -17.04 23.32 0.17
C ILE F 31 -15.93 22.84 1.08
N ASP F 32 -15.63 23.61 2.12
CA ASP F 32 -14.46 23.35 2.97
C ASP F 32 -14.81 22.38 4.09
N LYS F 33 -14.14 21.23 4.09
CA LYS F 33 -14.38 20.20 5.11
C LYS F 33 -13.31 20.25 6.19
N GLY F 34 -12.40 21.22 6.12
CA GLY F 34 -11.34 21.36 7.11
C GLY F 34 -10.13 20.56 6.70
N THR F 35 -9.05 20.57 7.48
CA THR F 35 -8.97 21.22 8.81
C THR F 35 -8.75 22.74 8.71
N TRP F 36 -8.66 23.40 9.85
CA TRP F 36 -8.63 24.88 9.87
C TRP F 36 -7.42 25.49 10.59
N SER F 37 -6.49 24.63 11.01
CA SER F 37 -5.25 25.11 11.63
C SER F 37 -4.15 24.05 11.47
N SER F 38 -2.95 24.38 11.93
CA SER F 38 -1.82 23.47 11.91
C SER F 38 -1.77 22.52 13.13
N GLU F 39 -2.84 22.50 13.94
CA GLU F 39 -2.91 21.64 15.11
C GLU F 39 -3.06 20.19 14.66
N ARG F 40 -2.26 19.31 15.26
CA ARG F 40 -2.25 17.87 14.95
C ARG F 40 -3.67 17.30 14.90
N THR F 41 -3.97 16.56 13.82
CA THR F 41 -5.30 16.00 13.59
C THR F 41 -5.16 14.75 12.67
N ASP F 42 -6.21 13.94 12.58
CA ASP F 42 -6.16 12.67 11.84
C ASP F 42 -6.74 12.77 10.42
N TYR F 43 -5.93 12.42 9.42
CA TYR F 43 -6.33 12.50 8.01
C TYR F 43 -7.56 11.64 7.60
N PRO F 44 -7.78 10.45 8.21
CA PRO F 44 -8.94 9.65 7.78
C PRO F 44 -10.30 10.36 7.92
N HIS F 45 -10.49 11.11 9.01
CA HIS F 45 -11.70 11.93 9.18
C HIS F 45 -12.03 12.89 8.01
N TYR F 46 -11.00 13.55 7.46
CA TYR F 46 -11.23 14.54 6.39
C TYR F 46 -11.45 13.86 5.04
N ALA F 47 -10.77 12.73 4.84
CA ALA F 47 -11.05 11.81 3.73
C ALA F 47 -12.53 11.43 3.71
N SER F 48 -13.04 11.02 4.86
CA SER F 48 -14.45 10.63 5.00
C SER F 48 -15.40 11.77 4.64
N GLN F 49 -15.15 12.95 5.20
CA GLN F 49 -16.00 14.13 4.94
C GLN F 49 -16.13 14.43 3.46
N VAL F 50 -14.97 14.47 2.78
CA VAL F 50 -14.93 14.74 1.34
C VAL F 50 -15.54 13.57 0.57
N ALA F 51 -15.15 12.36 0.95
CA ALA F 51 -15.64 11.14 0.30
C ALA F 51 -17.17 11.03 0.37
N LEU F 52 -17.72 11.26 1.55
CA LEU F 52 -19.19 11.26 1.75
C LEU F 52 -19.90 12.28 0.86
N ALA F 53 -19.33 13.48 0.79
CA ALA F 53 -19.88 14.54 -0.05
C ALA F 53 -19.89 14.21 -1.53
N VAL F 54 -18.80 13.64 -2.02
CA VAL F 54 -18.70 13.25 -3.44
C VAL F 54 -19.65 12.09 -3.79
N ALA F 55 -19.61 11.03 -2.97
CA ALA F 55 -20.41 9.82 -3.21
C ALA F 55 -21.92 10.12 -3.07
N GLY F 56 -22.29 10.95 -2.09
CA GLY F 56 -23.67 11.45 -1.92
C GLY F 56 -24.15 12.51 -2.90
N GLY F 57 -23.29 12.94 -3.82
CA GLY F 57 -23.71 13.78 -4.93
C GLY F 57 -23.92 15.25 -4.60
N GLU F 58 -23.55 15.64 -3.37
CA GLU F 58 -23.67 17.03 -2.96
C GLU F 58 -22.57 17.90 -3.56
N VAL F 59 -21.61 17.25 -4.22
CA VAL F 59 -20.44 17.90 -4.79
C VAL F 59 -19.99 17.12 -6.04
N ASP F 60 -19.24 17.74 -6.94
CA ASP F 60 -18.84 17.07 -8.19
C ASP F 60 -17.57 16.23 -8.02
N GLY F 61 -16.68 16.69 -7.14
CA GLY F 61 -15.40 16.04 -6.90
C GLY F 61 -14.82 16.46 -5.58
N GLY F 62 -13.66 15.90 -5.24
CA GLY F 62 -12.99 16.16 -4.00
C GLY F 62 -11.49 16.42 -4.19
N ILE F 63 -10.93 17.28 -3.34
CA ILE F 63 -9.49 17.50 -3.32
C ILE F 63 -8.99 17.36 -1.89
N LEU F 64 -7.98 16.51 -1.71
CA LEU F 64 -7.42 16.18 -0.42
C LEU F 64 -5.92 16.42 -0.41
N ILE F 65 -5.42 17.02 0.68
CA ILE F 65 -3.99 17.23 0.85
C ILE F 65 -3.54 16.73 2.21
N CYS F 66 -2.50 15.88 2.23
CA CYS F 66 -1.76 15.58 3.45
C CYS F 66 -0.27 15.72 3.15
N GLY F 67 0.59 15.12 3.97
CA GLY F 67 2.04 15.21 3.78
C GLY F 67 2.45 14.68 2.41
N THR F 68 1.90 13.52 2.04
CA THR F 68 2.16 12.87 0.75
C THR F 68 0.94 12.76 -0.14
N GLY F 69 -0.25 12.89 0.47
CA GLY F 69 -1.51 12.60 -0.18
C GLY F 69 -1.87 11.12 -0.23
N VAL F 70 -0.99 10.24 0.25
CA VAL F 70 -1.16 8.80 0.05
C VAL F 70 -2.17 8.23 1.03
N GLY F 71 -1.92 8.41 2.33
CA GLY F 71 -2.82 7.92 3.37
C GLY F 71 -4.23 8.46 3.21
N ILE F 72 -4.32 9.77 2.97
CA ILE F 72 -5.61 10.41 2.80
C ILE F 72 -6.36 9.88 1.58
N SER F 73 -5.65 9.59 0.47
CA SER F 73 -6.27 8.99 -0.70
C SER F 73 -6.59 7.50 -0.56
N ILE F 74 -5.80 6.77 0.23
CA ILE F 74 -6.11 5.36 0.54
C ILE F 74 -7.46 5.30 1.26
N ALA F 75 -7.63 6.17 2.26
CA ALA F 75 -8.88 6.28 3.04
C ALA F 75 -10.06 6.60 2.13
N ALA F 76 -9.90 7.61 1.27
CA ALA F 76 -10.97 8.00 0.34
C ALA F 76 -11.39 6.85 -0.56
N ASN F 77 -10.40 6.12 -1.08
CA ASN F 77 -10.65 5.00 -1.99
C ASN F 77 -11.39 3.80 -1.35
N LYS F 78 -11.34 3.72 -0.03
CA LYS F 78 -12.12 2.71 0.73
C LYS F 78 -13.64 2.91 0.70
N PHE F 79 -14.10 4.09 0.28
CA PHE F 79 -15.53 4.41 0.12
C PHE F 79 -16.04 4.01 -1.27
N ALA F 80 -17.28 3.53 -1.31
CA ALA F 80 -17.91 3.09 -2.56
C ALA F 80 -18.21 4.30 -3.44
N GLY F 81 -17.96 4.15 -4.74
CA GLY F 81 -18.21 5.24 -5.67
C GLY F 81 -17.05 6.24 -5.75
N ILE F 82 -16.02 6.10 -4.91
CA ILE F 82 -14.85 7.00 -4.99
C ILE F 82 -13.74 6.37 -5.82
N ARG F 83 -13.14 7.18 -6.68
CA ARG F 83 -11.94 6.81 -7.41
C ARG F 83 -10.97 7.98 -7.25
N ALA F 84 -10.02 7.83 -6.34
CA ALA F 84 -9.07 8.87 -5.95
C ALA F 84 -7.71 8.61 -6.57
N VAL F 85 -7.15 9.63 -7.20
CA VAL F 85 -5.77 9.60 -7.71
C VAL F 85 -4.87 10.41 -6.77
N VAL F 86 -3.76 9.82 -6.35
CA VAL F 86 -2.68 10.58 -5.71
C VAL F 86 -1.53 10.66 -6.72
N CYS F 87 -0.91 11.82 -6.83
CA CYS F 87 0.22 12.00 -7.74
C CYS F 87 1.07 13.21 -7.42
N SER F 88 2.22 13.31 -8.08
CA SER F 88 3.13 14.46 -7.96
C SER F 88 3.49 15.06 -9.32
N GLU F 89 2.74 14.71 -10.36
CA GLU F 89 2.90 15.31 -11.68
C GLU F 89 1.52 15.29 -12.38
N PRO F 90 1.29 16.18 -13.36
CA PRO F 90 -0.04 16.34 -13.95
C PRO F 90 -0.48 15.27 -14.96
N TYR F 91 0.45 14.52 -15.54
CA TYR F 91 0.06 13.46 -16.47
C TYR F 91 -0.84 12.40 -15.78
N SER F 92 -0.42 11.86 -14.65
CA SER F 92 -1.20 10.87 -13.90
C SER F 92 -2.61 11.39 -13.57
N ALA F 93 -2.68 12.66 -13.15
CA ALA F 93 -3.94 13.34 -12.85
C ALA F 93 -4.88 13.40 -14.08
N GLN F 94 -4.34 13.92 -15.18
CA GLN F 94 -5.08 14.04 -16.45
C GLN F 94 -5.56 12.68 -16.97
N LEU F 95 -4.65 11.72 -17.08
CA LEU F 95 -5.01 10.39 -17.58
C LEU F 95 -6.04 9.65 -16.71
N SER F 96 -5.95 9.85 -15.40
CA SER F 96 -6.88 9.23 -14.46
C SER F 96 -8.32 9.75 -14.63
N ARG F 97 -8.46 11.01 -15.05
CA ARG F 97 -9.79 11.54 -15.40
C ARG F 97 -10.26 10.85 -16.69
N GLN F 98 -9.41 10.90 -17.72
CA GLN F 98 -9.71 10.38 -19.06
C GLN F 98 -10.04 8.88 -19.08
N ASN F 99 -9.26 8.07 -18.35
CA ASN F 99 -9.35 6.60 -18.36
C ASN F 99 -10.08 5.96 -17.16
N ASN F 100 -9.95 6.56 -15.99
CA ASN F 100 -10.48 6.00 -14.74
C ASN F 100 -11.63 6.81 -14.12
N ASP F 101 -12.01 7.92 -14.75
CA ASP F 101 -13.09 8.80 -14.26
C ASP F 101 -12.93 9.19 -12.76
N THR F 102 -11.70 9.49 -12.37
CA THR F 102 -11.45 9.85 -10.98
C THR F 102 -12.31 11.04 -10.52
N ASN F 103 -12.84 10.95 -9.32
CA ASN F 103 -13.63 12.03 -8.76
C ASN F 103 -12.98 12.66 -7.53
N VAL F 104 -11.81 12.14 -7.12
CA VAL F 104 -11.00 12.73 -6.05
C VAL F 104 -9.52 12.79 -6.47
N LEU F 105 -8.89 13.92 -6.17
CA LEU F 105 -7.47 14.18 -6.46
C LEU F 105 -6.79 14.49 -5.14
N ALA F 106 -5.64 13.86 -4.91
CA ALA F 106 -4.85 14.10 -3.71
C ALA F 106 -3.40 14.37 -4.11
N PHE F 107 -2.71 15.12 -3.26
CA PHE F 107 -1.28 15.32 -3.42
C PHE F 107 -0.69 15.66 -2.08
N GLY F 108 0.63 15.76 -2.00
CA GLY F 108 1.33 15.88 -0.74
C GLY F 108 2.03 17.21 -0.59
N SER F 109 1.76 17.91 0.51
CA SER F 109 2.41 19.21 0.77
C SER F 109 3.91 19.11 1.06
N ARG F 110 4.39 17.92 1.41
CA ARG F 110 5.80 17.70 1.59
C ARG F 110 6.51 17.10 0.38
N VAL F 111 5.76 16.86 -0.70
CA VAL F 111 6.26 16.29 -1.93
C VAL F 111 6.27 17.33 -3.06
N VAL F 112 5.13 17.97 -3.30
CA VAL F 112 5.04 18.98 -4.37
C VAL F 112 5.00 20.40 -3.80
N GLY F 113 5.68 21.31 -4.49
CA GLY F 113 5.56 22.73 -4.24
C GLY F 113 4.26 23.25 -4.81
N LEU F 114 3.97 24.50 -4.47
CA LEU F 114 2.67 25.10 -4.71
C LEU F 114 2.33 25.20 -6.20
N GLU F 115 3.27 25.64 -7.01
CA GLU F 115 2.99 25.90 -8.42
C GLU F 115 2.84 24.62 -9.26
N LEU F 116 3.62 23.59 -8.91
CA LEU F 116 3.40 22.24 -9.42
C LEU F 116 2.03 21.71 -8.98
N ALA F 117 1.67 21.92 -7.72
CA ALA F 117 0.37 21.51 -7.20
C ALA F 117 -0.77 22.17 -8.01
N LYS F 118 -0.64 23.48 -8.29
CA LYS F 118 -1.61 24.19 -9.10
C LYS F 118 -1.73 23.62 -10.50
N MET F 119 -0.60 23.27 -11.11
CA MET F 119 -0.59 22.64 -12.43
C MET F 119 -1.28 21.26 -12.43
N ILE F 120 -1.08 20.48 -11.36
CA ILE F 120 -1.75 19.18 -11.21
C ILE F 120 -3.26 19.36 -11.10
N VAL F 121 -3.67 20.36 -10.32
CA VAL F 121 -5.09 20.72 -10.19
C VAL F 121 -5.69 21.11 -11.55
N ASP F 122 -5.02 22.00 -12.30
CA ASP F 122 -5.52 22.41 -13.62
C ASP F 122 -5.65 21.23 -14.59
N ALA F 123 -4.66 20.34 -14.56
CA ALA F 123 -4.63 19.18 -15.45
C ALA F 123 -5.83 18.28 -15.13
N TRP F 124 -6.09 18.11 -13.84
CA TRP F 124 -7.22 17.29 -13.38
C TRP F 124 -8.59 17.91 -13.73
N LEU F 125 -8.80 19.18 -13.38
CA LEU F 125 -10.05 19.87 -13.68
C LEU F 125 -10.31 20.00 -15.20
N GLY F 126 -9.23 20.11 -15.98
CA GLY F 126 -9.35 20.31 -17.42
C GLY F 126 -9.66 19.06 -18.24
N ALA F 127 -9.46 17.87 -17.66
CA ALA F 127 -9.60 16.60 -18.41
C ALA F 127 -11.02 16.04 -18.37
N GLN F 128 -11.43 15.37 -19.45
CA GLN F 128 -12.75 14.74 -19.53
C GLN F 128 -12.66 13.21 -19.64
N TYR F 129 -13.55 12.51 -18.94
CA TYR F 129 -13.59 11.05 -19.00
C TYR F 129 -13.95 10.56 -20.41
N GLU F 130 -13.16 9.65 -20.96
CA GLU F 130 -13.29 9.25 -22.37
C GLU F 130 -14.22 8.05 -22.62
N GLY F 131 -14.78 7.48 -21.55
CA GLY F 131 -15.68 6.32 -21.67
C GLY F 131 -15.13 5.23 -22.58
N GLY F 132 -15.95 4.79 -23.55
CA GLY F 132 -15.56 3.77 -24.52
C GLY F 132 -14.96 2.52 -23.91
N ARG F 133 -13.81 2.09 -24.43
CA ARG F 133 -13.08 0.90 -23.93
C ARG F 133 -12.83 0.93 -22.41
N HIS F 134 -12.61 2.14 -21.87
CA HIS F 134 -12.26 2.31 -20.46
C HIS F 134 -13.40 1.96 -19.51
N GLN F 135 -14.64 2.06 -19.97
CA GLN F 135 -15.82 1.82 -19.13
C GLN F 135 -15.90 0.39 -18.56
N GLN F 136 -15.57 -0.62 -19.36
CA GLN F 136 -15.54 -2.01 -18.88
C GLN F 136 -14.57 -2.18 -17.72
N ARG F 137 -13.43 -1.47 -17.79
CA ARG F 137 -12.43 -1.51 -16.72
C ARG F 137 -12.93 -0.83 -15.45
N VAL F 138 -13.53 0.36 -15.60
CA VAL F 138 -14.11 1.08 -14.47
C VAL F 138 -15.24 0.27 -13.80
N GLU F 139 -16.08 -0.35 -14.61
CA GLU F 139 -17.12 -1.27 -14.14
C GLU F 139 -16.55 -2.47 -13.36
N ALA F 140 -15.38 -2.96 -13.75
CA ALA F 140 -14.68 -3.97 -12.96
C ALA F 140 -14.27 -3.44 -11.59
N ILE F 141 -13.88 -2.17 -11.50
CA ILE F 141 -13.52 -1.57 -10.20
C ILE F 141 -14.73 -1.61 -9.24
N THR F 142 -15.88 -1.15 -9.73
CA THR F 142 -17.16 -1.22 -9.02
C THR F 142 -17.52 -2.67 -8.62
N ALA F 143 -17.30 -3.62 -9.53
CA ALA F 143 -17.50 -5.03 -9.21
C ALA F 143 -16.73 -5.41 -7.94
N ILE F 144 -15.47 -4.99 -7.81
CA ILE F 144 -14.66 -5.28 -6.62
C ILE F 144 -15.33 -4.77 -5.33
N GLU F 145 -15.96 -3.59 -5.45
CA GLU F 145 -16.60 -2.91 -4.31
C GLU F 145 -17.69 -3.73 -3.62
N GLN F 146 -18.42 -4.54 -4.38
CA GLN F 146 -19.48 -5.35 -3.80
C GLN F 146 -19.27 -6.84 -4.05
#